data_9AVS
#
_entry.id   9AVS
#
_cell.length_a   120.116
_cell.length_b   142.563
_cell.length_c   191.967
_cell.angle_alpha   90.000
_cell.angle_beta   90.000
_cell.angle_gamma   90.000
#
_symmetry.space_group_name_H-M   'C 2 2 21'
#
loop_
_entity.id
_entity.type
_entity.pdbx_description
1 polymer 'Alpha-galactosidase A'
2 polymer Saposin-B
3 branched alpha-D-mannopyranose-(1-3)-beta-D-mannopyranose-(1-4)-2-acetamido-2-deoxy-beta-D-glucopyranose-(1-4)-[alpha-L-fucopyranose-(1-6)]2-acetamido-2-deoxy-beta-D-glucopyranose
4 branched alpha-D-mannopyranose-(1-3)-beta-D-mannopyranose-(1-4)-2-acetamido-2-deoxy-beta-D-glucopyranose-(1-4)-2-acetamido-2-deoxy-beta-D-glucopyranose
5 branched 2-acetamido-2-deoxy-beta-D-glucopyranose-(1-4)-2-acetamido-2-deoxy-beta-D-glucopyranose
6 branched alpha-D-mannopyranose-(1-3)-[alpha-D-mannopyranose-(1-6)]beta-D-mannopyranose-(1-4)-2-acetamido-2-deoxy-beta-D-glucopyranose-(1-4)-2-acetamido-2-deoxy-beta-D-glucopyranose
7 non-polymer 'SULFATE ION'
8 non-polymer 2-acetamido-2-deoxy-beta-D-glucopyranose
9 water water
#
loop_
_entity_poly.entity_id
_entity_poly.type
_entity_poly.pdbx_seq_one_letter_code
_entity_poly.pdbx_strand_id
1 'polypeptide(L)'
;LDNGLARTPTMGWLHWERFMCNLDCQEEPDSCISEKLFMEMAELMVSEGWKDAGYEYLCIDDCWMAPQRDSEGRLQADPQ
RFPHGIRQLANYVHSKGLKLGIYADVGNKTCAGFPGSFGYYDIDAQTFADWGVDLLKFAGCYCDSLENLADGYKHMSLAL
NRTGRSIVYSCEWPLYMWPFQKPNYTEIRQYCNHWRNFADIDDSWKSIKSILDWTSFNQERIVDVAGPGGWNDPDMLVIG
NFGLSWNQQVTQMALWAIMAAPLFMSNDLRHISPQAKALLQDKDVIAINQDPLGKQGYQLRQGDNFEVWERPLSGLAWAV
AMINRQEIGGPRSYTIAVASLGKGVACNPACFITQLLPVKRKLGFYEWTSRLRSHINPTGTVLLQLENTMQMSLKDLLDY
KDDDDKDYKDDDDK
;
A,B
2 'polypeptide(L)'
;GASGDVCQDCIQMVTDIQTAVRTNSTFVQALVEHVKEECDRLGPGMADICKNYISQYSEIAIQMMMHMQPKEICALVGFC
DE
;
C
#
loop_
_chem_comp.id
_chem_comp.type
_chem_comp.name
_chem_comp.formula
BMA D-saccharide, beta linking beta-D-mannopyranose 'C6 H12 O6'
FUC L-saccharide, alpha linking alpha-L-fucopyranose 'C6 H12 O5'
MAN D-saccharide, alpha linking alpha-D-mannopyranose 'C6 H12 O6'
NAG D-saccharide, beta linking 2-acetamido-2-deoxy-beta-D-glucopyranose 'C8 H15 N O6'
SO4 non-polymer 'SULFATE ION' 'O4 S -2'
#
# COMPACT_ATOMS: atom_id res chain seq x y z
N LEU A 1 24.56 12.53 20.94
CA LEU A 1 25.74 12.20 21.72
C LEU A 1 26.94 13.03 21.30
N ASP A 2 27.68 13.55 22.28
CA ASP A 2 28.87 14.35 22.01
C ASP A 2 30.08 13.42 21.85
N ASN A 3 30.10 12.73 20.70
CA ASN A 3 31.24 11.90 20.32
C ASN A 3 31.87 12.32 19.00
N GLY A 4 31.43 13.45 18.43
CA GLY A 4 31.94 13.90 17.16
C GLY A 4 31.44 13.13 15.95
N LEU A 5 30.45 12.26 16.13
CA LEU A 5 29.93 11.43 15.05
C LEU A 5 28.45 11.77 14.84
N ALA A 6 27.94 11.28 13.70
CA ALA A 6 26.59 11.55 13.20
C ALA A 6 26.34 13.06 13.08
N ARG A 7 27.34 13.79 12.59
CA ARG A 7 27.18 15.22 12.35
C ARG A 7 26.23 15.47 11.20
N THR A 8 26.26 14.60 10.20
CA THR A 8 25.23 14.42 9.20
C THR A 8 24.52 13.08 9.46
N PRO A 9 23.29 12.90 8.98
CA PRO A 9 22.57 11.64 9.26
C PRO A 9 23.26 10.41 8.69
N THR A 10 23.21 9.33 9.47
CA THR A 10 23.99 8.13 9.16
C THR A 10 23.37 7.36 8.00
N MET A 11 24.19 7.07 6.99
CA MET A 11 23.75 6.36 5.80
C MET A 11 24.40 4.99 5.74
N GLY A 12 23.61 3.97 5.41
CA GLY A 12 24.14 2.63 5.32
C GLY A 12 23.14 1.56 4.93
N TRP A 13 23.32 0.35 5.46
CA TRP A 13 22.51 -0.79 5.06
C TRP A 13 22.31 -1.71 6.27
N LEU A 14 21.08 -2.17 6.44
CA LEU A 14 20.71 -3.06 7.53
C LEU A 14 19.87 -4.20 6.94
N HIS A 15 19.88 -5.36 7.58
CA HIS A 15 19.33 -6.56 6.94
C HIS A 15 17.97 -6.99 7.47
N TRP A 16 17.37 -6.26 8.42
CA TRP A 16 16.26 -6.83 9.17
C TRP A 16 14.95 -6.90 8.38
N GLU A 17 14.61 -5.86 7.62
CA GLU A 17 13.32 -5.90 6.94
C GLU A 17 13.33 -6.82 5.73
N ARG A 18 14.46 -6.95 5.03
CA ARG A 18 14.49 -7.82 3.86
C ARG A 18 14.80 -9.26 4.21
N PHE A 19 15.74 -9.52 5.12
CA PHE A 19 16.24 -10.87 5.34
C PHE A 19 15.79 -11.52 6.64
N MET A 20 15.48 -10.72 7.67
CA MET A 20 14.89 -11.12 8.95
C MET A 20 15.81 -12.10 9.68
N CYS A 21 15.22 -13.04 10.42
CA CYS A 21 15.97 -14.05 11.17
C CYS A 21 16.01 -15.38 10.42
N ASN A 22 16.66 -15.37 9.25
CA ASN A 22 16.72 -16.57 8.41
C ASN A 22 17.92 -17.39 8.87
N LEU A 23 17.66 -18.44 9.64
CA LEU A 23 18.70 -19.31 10.18
C LEU A 23 18.88 -20.59 9.37
N ASP A 24 18.13 -20.77 8.28
CA ASP A 24 18.15 -22.01 7.51
C ASP A 24 19.07 -21.82 6.31
N CYS A 25 20.37 -22.03 6.53
CA CYS A 25 21.34 -21.98 5.45
C CYS A 25 21.41 -23.28 4.66
N GLN A 26 20.79 -24.36 5.16
CA GLN A 26 20.80 -25.63 4.44
C GLN A 26 19.89 -25.57 3.21
N GLU A 27 18.69 -25.02 3.37
CA GLU A 27 17.75 -24.90 2.25
C GLU A 27 17.86 -23.57 1.53
N GLU A 28 18.16 -22.49 2.24
CA GLU A 28 18.27 -21.15 1.66
C GLU A 28 19.64 -20.57 2.00
N PRO A 29 20.71 -20.97 1.29
CA PRO A 29 22.04 -20.44 1.61
C PRO A 29 22.25 -19.01 1.14
N ASP A 30 21.55 -18.62 0.08
CA ASP A 30 21.71 -17.28 -0.49
C ASP A 30 20.95 -16.21 0.28
N SER A 31 20.05 -16.58 1.18
CA SER A 31 19.25 -15.61 1.91
C SER A 31 19.36 -15.74 3.42
N CYS A 32 20.09 -16.73 3.93
CA CYS A 32 20.25 -16.86 5.37
C CYS A 32 21.27 -15.84 5.88
N ILE A 33 21.31 -15.70 7.19
CA ILE A 33 22.08 -14.63 7.83
C ILE A 33 23.49 -15.16 8.05
N SER A 34 24.42 -14.74 7.19
CA SER A 34 25.78 -15.24 7.23
C SER A 34 26.72 -14.15 6.77
N GLU A 35 28.02 -14.39 6.99
CA GLU A 35 29.05 -13.45 6.56
C GLU A 35 29.19 -13.39 5.04
N LYS A 36 28.77 -14.44 4.33
CA LYS A 36 28.77 -14.42 2.87
C LYS A 36 27.82 -13.35 2.34
N LEU A 37 26.65 -13.23 2.98
CA LEU A 37 25.68 -12.20 2.60
C LEU A 37 26.25 -10.80 2.79
N PHE A 38 26.89 -10.54 3.93
CA PHE A 38 27.42 -9.21 4.18
C PHE A 38 28.65 -8.91 3.33
N MET A 39 29.42 -9.93 2.96
CA MET A 39 30.56 -9.68 2.07
C MET A 39 30.09 -9.40 0.64
N GLU A 40 29.04 -10.09 0.18
CA GLU A 40 28.45 -9.75 -1.12
C GLU A 40 27.83 -8.35 -1.10
N MET A 41 27.19 -7.99 0.02
CA MET A 41 26.66 -6.64 0.19
C MET A 41 27.78 -5.60 0.17
N ALA A 42 28.91 -5.89 0.82
CA ALA A 42 30.02 -4.96 0.86
C ALA A 42 30.70 -4.83 -0.50
N GLU A 43 30.69 -5.89 -1.30
CA GLU A 43 31.17 -5.79 -2.68
C GLU A 43 30.25 -4.90 -3.51
N LEU A 44 28.93 -5.11 -3.40
CA LEU A 44 28.00 -4.31 -4.20
C LEU A 44 27.85 -2.88 -3.72
N MET A 45 28.20 -2.61 -2.45
CA MET A 45 28.13 -1.25 -1.94
C MET A 45 29.19 -0.34 -2.57
N VAL A 46 30.29 -0.93 -3.02
CA VAL A 46 31.29 -0.19 -3.77
C VAL A 46 31.08 -0.32 -5.27
N SER A 47 30.65 -1.51 -5.73
CA SER A 47 30.54 -1.76 -7.16
C SER A 47 29.32 -1.10 -7.80
N GLU A 48 28.31 -0.72 -7.02
CA GLU A 48 27.12 -0.08 -7.55
C GLU A 48 26.98 1.38 -7.12
N GLY A 49 28.04 1.97 -6.57
CA GLY A 49 27.99 3.37 -6.20
C GLY A 49 27.26 3.68 -4.91
N TRP A 50 26.94 2.68 -4.10
CA TRP A 50 26.32 2.96 -2.81
C TRP A 50 27.30 3.62 -1.86
N LYS A 51 28.58 3.23 -1.92
CA LYS A 51 29.61 3.93 -1.17
C LYS A 51 29.83 5.33 -1.71
N ASP A 52 29.73 5.51 -3.02
CA ASP A 52 29.89 6.82 -3.63
C ASP A 52 28.72 7.75 -3.32
N ALA A 53 27.51 7.18 -3.18
CA ALA A 53 26.33 8.00 -2.89
C ALA A 53 26.31 8.49 -1.46
N GLY A 54 26.99 7.80 -0.54
CA GLY A 54 27.03 8.25 0.85
C GLY A 54 26.77 7.15 1.86
N TYR A 55 26.22 6.03 1.41
CA TYR A 55 25.99 4.89 2.28
C TYR A 55 27.33 4.25 2.64
N GLU A 56 27.62 4.14 3.94
CA GLU A 56 28.92 3.64 4.35
C GLU A 56 28.84 2.57 5.43
N TYR A 57 27.78 2.58 6.24
CA TYR A 57 27.68 1.74 7.42
C TYR A 57 26.95 0.45 7.08
N LEU A 58 27.71 -0.61 6.80
CA LEU A 58 27.13 -1.93 6.56
C LEU A 58 26.86 -2.56 7.92
N CYS A 59 25.65 -2.35 8.42
CA CYS A 59 25.30 -2.76 9.78
C CYS A 59 24.69 -4.15 9.78
N ILE A 60 24.72 -4.77 10.97
CA ILE A 60 24.16 -6.10 11.19
C ILE A 60 23.07 -5.98 12.26
N ASP A 61 21.89 -6.49 11.95
CA ASP A 61 20.78 -6.57 12.88
C ASP A 61 20.82 -7.92 13.60
N ASP A 62 19.69 -8.31 14.19
CA ASP A 62 19.56 -9.50 15.04
C ASP A 62 19.92 -10.79 14.30
N CYS A 63 20.06 -11.88 15.09
CA CYS A 63 20.33 -13.25 14.64
C CYS A 63 21.71 -13.36 13.97
N TRP A 64 22.73 -12.90 14.68
CA TRP A 64 24.11 -13.15 14.31
C TRP A 64 24.88 -13.94 15.36
N MET A 65 24.29 -14.19 16.53
CA MET A 65 25.00 -14.70 17.68
C MET A 65 24.93 -16.22 17.78
N ALA A 66 25.90 -16.78 18.50
CA ALA A 66 25.78 -18.13 19.02
C ALA A 66 24.70 -18.15 20.10
N PRO A 67 24.02 -19.30 20.30
CA PRO A 67 22.98 -19.34 21.35
C PRO A 67 23.51 -19.18 22.77
N GLN A 68 24.79 -19.42 23.02
CA GLN A 68 25.37 -19.24 24.34
C GLN A 68 26.65 -18.41 24.21
N ARG A 69 27.04 -17.80 25.32
CA ARG A 69 28.32 -17.11 25.38
C ARG A 69 29.46 -18.13 25.49
N ASP A 70 30.68 -17.65 25.34
CA ASP A 70 31.84 -18.52 25.47
C ASP A 70 32.18 -18.75 26.95
N SER A 71 33.29 -19.44 27.19
CA SER A 71 33.69 -19.76 28.56
C SER A 71 34.25 -18.54 29.28
N GLU A 72 34.63 -17.49 28.55
CA GLU A 72 35.13 -16.26 29.15
C GLU A 72 34.05 -15.22 29.37
N GLY A 73 32.80 -15.52 29.00
CA GLY A 73 31.70 -14.59 29.16
C GLY A 73 31.53 -13.59 28.04
N ARG A 74 32.32 -13.69 26.97
CA ARG A 74 32.19 -12.79 25.84
C ARG A 74 31.13 -13.29 24.88
N LEU A 75 30.59 -12.38 24.08
CA LEU A 75 29.71 -12.78 22.98
C LEU A 75 30.53 -13.41 21.86
N GLN A 76 29.95 -14.43 21.22
CA GLN A 76 30.57 -15.09 20.09
C GLN A 76 29.55 -15.25 18.98
N ALA A 77 30.03 -15.17 17.74
CA ALA A 77 29.16 -15.36 16.60
C ALA A 77 28.85 -16.84 16.41
N ASP A 78 27.86 -17.11 15.56
CA ASP A 78 27.46 -18.49 15.29
C ASP A 78 28.55 -19.18 14.47
N PRO A 79 29.01 -20.37 14.90
CA PRO A 79 30.13 -21.02 14.20
C PRO A 79 29.79 -21.49 12.79
N GLN A 80 28.54 -21.85 12.52
CA GLN A 80 28.19 -22.31 11.18
C GLN A 80 27.96 -21.14 10.23
N ARG A 81 27.34 -20.07 10.71
CA ARG A 81 26.97 -18.95 9.85
C ARG A 81 28.05 -17.88 9.78
N PHE A 82 28.84 -17.72 10.85
CA PHE A 82 30.00 -16.83 10.85
C PHE A 82 31.21 -17.61 11.36
N PRO A 83 31.82 -18.46 10.51
CA PRO A 83 32.97 -19.24 11.00
C PRO A 83 34.24 -18.43 11.16
N HIS A 84 34.45 -17.41 10.32
CA HIS A 84 35.70 -16.65 10.34
C HIS A 84 35.70 -15.53 11.39
N GLY A 85 34.59 -15.28 12.05
CA GLY A 85 34.55 -14.32 13.13
C GLY A 85 34.13 -12.93 12.69
N ILE A 86 33.76 -12.12 13.68
CA ILE A 86 33.30 -10.76 13.42
C ILE A 86 34.47 -9.85 13.06
N ARG A 87 35.66 -10.09 13.64
CA ARG A 87 36.80 -9.21 13.42
C ARG A 87 37.31 -9.29 11.98
N GLN A 88 37.32 -10.49 11.39
CA GLN A 88 37.71 -10.64 9.99
C GLN A 88 36.70 -9.98 9.06
N LEU A 89 35.41 -10.09 9.40
CA LEU A 89 34.37 -9.41 8.64
C LEU A 89 34.53 -7.89 8.71
N ALA A 90 34.86 -7.37 9.90
CA ALA A 90 35.10 -5.95 10.06
C ALA A 90 36.32 -5.48 9.28
N ASN A 91 37.38 -6.30 9.25
CA ASN A 91 38.56 -5.98 8.46
C ASN A 91 38.25 -5.99 6.96
N TYR A 92 37.40 -6.91 6.51
CA TYR A 92 37.01 -6.92 5.09
C TYR A 92 36.14 -5.72 4.75
N VAL A 93 35.28 -5.28 5.68
CA VAL A 93 34.46 -4.11 5.43
C VAL A 93 35.31 -2.84 5.42
N HIS A 94 36.29 -2.73 6.33
CA HIS A 94 37.20 -1.60 6.35
C HIS A 94 38.12 -1.58 5.13
N SER A 95 38.47 -2.76 4.60
CA SER A 95 39.29 -2.82 3.39
C SER A 95 38.55 -2.32 2.15
N LYS A 96 37.22 -2.37 2.16
CA LYS A 96 36.40 -1.85 1.07
C LYS A 96 36.06 -0.37 1.25
N GLY A 97 36.61 0.27 2.27
CA GLY A 97 36.33 1.66 2.56
C GLY A 97 35.07 1.91 3.35
N LEU A 98 34.38 0.86 3.78
CA LEU A 98 33.11 0.99 4.49
C LEU A 98 33.31 0.72 5.98
N LYS A 99 32.25 0.95 6.76
CA LYS A 99 32.24 0.71 8.19
C LYS A 99 31.17 -0.31 8.52
N LEU A 100 31.39 -1.07 9.60
CA LEU A 100 30.55 -2.20 9.95
C LEU A 100 29.82 -1.94 11.27
N GLY A 101 28.54 -2.32 11.30
CA GLY A 101 27.74 -2.24 12.51
C GLY A 101 27.39 -3.62 13.05
N ILE A 102 26.80 -3.62 14.26
CA ILE A 102 26.43 -4.84 14.96
C ILE A 102 25.24 -4.53 15.87
N TYR A 103 24.58 -5.58 16.37
CA TYR A 103 23.34 -5.48 17.12
C TYR A 103 23.52 -6.10 18.50
N ALA A 104 22.85 -5.52 19.49
CA ALA A 104 22.78 -6.06 20.85
C ALA A 104 21.53 -5.50 21.51
N ASP A 105 21.34 -5.86 22.79
CA ASP A 105 20.10 -5.52 23.49
C ASP A 105 20.40 -5.19 24.95
N VAL A 106 19.57 -4.32 25.53
CA VAL A 106 19.71 -4.00 26.96
C VAL A 106 19.17 -5.12 27.86
N GLY A 107 18.36 -6.02 27.32
CA GLY A 107 17.60 -6.94 28.14
C GLY A 107 18.38 -8.18 28.51
N ASN A 108 17.66 -9.12 29.13
CA ASN A 108 18.21 -10.46 29.33
C ASN A 108 18.51 -11.13 28.00
N LYS A 109 17.60 -10.98 27.03
CA LYS A 109 17.70 -11.58 25.72
C LYS A 109 17.51 -10.51 24.66
N THR A 110 17.88 -10.83 23.43
CA THR A 110 17.54 -9.98 22.30
C THR A 110 16.10 -10.27 21.86
N CYS A 111 15.65 -9.58 20.81
CA CYS A 111 14.25 -9.69 20.37
C CYS A 111 13.94 -11.04 19.73
N ALA A 112 14.95 -11.75 19.24
CA ALA A 112 14.74 -13.08 18.67
C ALA A 112 14.97 -14.20 19.67
N GLY A 113 15.60 -13.92 20.81
CA GLY A 113 15.92 -14.93 21.80
C GLY A 113 17.40 -15.14 22.02
N PHE A 114 18.25 -14.53 21.20
CA PHE A 114 19.69 -14.60 21.37
C PHE A 114 20.10 -13.78 22.59
N PRO A 115 21.24 -14.12 23.23
CA PRO A 115 21.57 -13.50 24.52
C PRO A 115 21.81 -12.00 24.46
N GLY A 116 21.23 -11.29 25.43
CA GLY A 116 21.39 -9.86 25.55
C GLY A 116 22.57 -9.49 26.43
N SER A 117 22.72 -8.19 26.65
CA SER A 117 23.91 -7.63 27.28
C SER A 117 23.65 -7.12 28.70
N PHE A 118 22.58 -7.57 29.36
CA PHE A 118 22.35 -7.15 30.74
C PHE A 118 23.35 -7.83 31.67
N GLY A 119 24.02 -7.03 32.49
CA GLY A 119 25.09 -7.54 33.31
C GLY A 119 26.40 -7.73 32.60
N TYR A 120 26.48 -7.35 31.32
CA TYR A 120 27.68 -7.53 30.51
C TYR A 120 27.96 -6.30 29.66
N TYR A 121 27.65 -5.10 30.18
CA TYR A 121 27.72 -3.88 29.37
C TYR A 121 29.16 -3.53 29.01
N ASP A 122 30.05 -3.50 30.00
CA ASP A 122 31.46 -3.18 29.77
C ASP A 122 32.14 -4.25 28.91
N ILE A 123 31.82 -5.52 29.18
CA ILE A 123 32.44 -6.64 28.47
C ILE A 123 32.04 -6.63 27.00
N ASP A 124 30.75 -6.41 26.72
CA ASP A 124 30.29 -6.42 25.34
C ASP A 124 30.71 -5.17 24.59
N ALA A 125 30.80 -4.02 25.28
CA ALA A 125 31.33 -2.82 24.66
C ALA A 125 32.79 -3.00 24.26
N GLN A 126 33.59 -3.60 25.16
CA GLN A 126 34.98 -3.89 24.83
C GLN A 126 35.09 -4.95 23.75
N THR A 127 34.17 -5.92 23.70
CA THR A 127 34.19 -6.95 22.66
C THR A 127 33.94 -6.36 21.28
N PHE A 128 32.93 -5.48 21.17
CA PHE A 128 32.65 -4.82 19.90
C PHE A 128 33.77 -3.84 19.52
N ALA A 129 34.44 -3.25 20.52
CA ALA A 129 35.58 -2.38 20.22
C ALA A 129 36.78 -3.17 19.71
N ASP A 130 37.06 -4.32 20.32
CA ASP A 130 38.16 -5.18 19.87
C ASP A 130 37.88 -5.76 18.50
N TRP A 131 36.63 -6.02 18.18
CA TRP A 131 36.31 -6.55 16.85
C TRP A 131 36.44 -5.48 15.76
N GLY A 132 36.45 -4.21 16.11
CA GLY A 132 36.51 -3.14 15.13
C GLY A 132 35.18 -2.58 14.70
N VAL A 133 34.12 -2.78 15.48
CA VAL A 133 32.77 -2.41 15.09
C VAL A 133 32.59 -0.91 15.24
N ASP A 134 32.06 -0.27 14.19
CA ASP A 134 31.90 1.18 14.15
C ASP A 134 30.49 1.67 14.47
N LEU A 135 29.50 0.78 14.56
CA LEU A 135 28.13 1.19 14.87
C LEU A 135 27.47 0.16 15.74
N LEU A 136 26.73 0.60 16.76
CA LEU A 136 25.97 -0.30 17.61
C LEU A 136 24.49 0.06 17.54
N LYS A 137 23.67 -0.93 17.19
CA LYS A 137 22.22 -0.82 17.27
C LYS A 137 21.78 -1.59 18.52
N PHE A 138 21.44 -0.84 19.56
CA PHE A 138 21.24 -1.40 20.90
C PHE A 138 19.74 -1.45 21.18
N ALA A 139 19.17 -2.66 21.16
CA ALA A 139 17.74 -2.84 21.26
C ALA A 139 17.29 -2.86 22.71
N GLY A 140 15.98 -2.89 22.92
CA GLY A 140 15.42 -2.85 24.26
C GLY A 140 14.37 -3.92 24.54
N CYS A 141 14.57 -5.11 23.98
CA CYS A 141 13.64 -6.21 24.20
C CYS A 141 13.96 -6.95 25.50
N TYR A 142 12.92 -7.54 26.08
CA TYR A 142 12.99 -8.33 27.33
C TYR A 142 13.57 -7.52 28.49
N CYS A 143 13.15 -6.26 28.62
CA CYS A 143 13.51 -5.43 29.74
C CYS A 143 12.32 -5.32 30.69
N ASP A 144 12.59 -5.45 31.98
CA ASP A 144 11.52 -5.60 32.96
C ASP A 144 11.09 -4.29 33.60
N SER A 145 11.98 -3.31 33.70
CA SER A 145 11.63 -2.01 34.25
C SER A 145 12.27 -0.91 33.43
N LEU A 146 11.64 0.26 33.42
CA LEU A 146 12.17 1.39 32.66
C LEU A 146 13.42 1.96 33.30
N GLU A 147 13.57 1.79 34.62
CA GLU A 147 14.82 2.16 35.28
C GLU A 147 15.98 1.32 34.79
N ASN A 148 15.76 0.01 34.62
CA ASN A 148 16.77 -0.87 34.06
C ASN A 148 17.07 -0.50 32.61
N LEU A 149 16.05 -0.09 31.85
CA LEU A 149 16.22 0.35 30.47
C LEU A 149 17.12 1.58 30.39
N ALA A 150 16.79 2.62 31.17
CA ALA A 150 17.56 3.86 31.15
C ALA A 150 18.97 3.66 31.67
N ASP A 151 19.13 2.86 32.74
CA ASP A 151 20.45 2.61 33.29
C ASP A 151 21.30 1.76 32.35
N GLY A 152 20.69 0.81 31.64
CA GLY A 152 21.43 0.03 30.68
C GLY A 152 21.88 0.84 29.48
N TYR A 153 21.00 1.71 28.97
CA TYR A 153 21.38 2.57 27.85
C TYR A 153 22.48 3.56 28.25
N LYS A 154 22.38 4.15 29.45
CA LYS A 154 23.43 5.06 29.91
C LYS A 154 24.73 4.33 30.21
N HIS A 155 24.64 3.11 30.75
CA HIS A 155 25.83 2.31 31.04
C HIS A 155 26.56 1.92 29.76
N MET A 156 25.82 1.52 28.72
CA MET A 156 26.46 1.21 27.44
C MET A 156 26.99 2.48 26.77
N SER A 157 26.31 3.61 26.93
CA SER A 157 26.78 4.87 26.37
C SER A 157 28.10 5.31 26.99
N LEU A 158 28.26 5.13 28.31
CA LEU A 158 29.56 5.44 28.93
C LEU A 158 30.59 4.34 28.68
N ALA A 159 30.17 3.08 28.58
CA ALA A 159 31.11 1.98 28.44
C ALA A 159 31.71 1.93 27.03
N LEU A 160 30.95 2.34 26.02
CA LEU A 160 31.52 2.46 24.68
C LEU A 160 32.46 3.66 24.58
N ASN A 161 32.23 4.69 25.39
CA ASN A 161 33.14 5.82 25.46
C ASN A 161 34.48 5.42 26.08
N ARG A 162 34.45 4.54 27.08
CA ARG A 162 35.67 4.10 27.76
C ARG A 162 36.53 3.19 26.91
N THR A 163 36.01 2.67 25.80
CA THR A 163 36.84 1.88 24.88
C THR A 163 37.84 2.76 24.15
N GLY A 164 37.50 4.02 23.89
CA GLY A 164 38.34 4.91 23.13
C GLY A 164 38.14 4.85 21.62
N ARG A 165 37.32 3.93 21.14
CA ARG A 165 37.02 3.81 19.72
C ARG A 165 35.81 4.66 19.36
N SER A 166 35.90 5.35 18.22
CA SER A 166 34.77 6.09 17.68
C SER A 166 33.68 5.11 17.25
N ILE A 167 32.53 5.15 17.93
CA ILE A 167 31.40 4.29 17.62
C ILE A 167 30.16 5.13 17.37
N VAL A 168 29.20 4.55 16.64
CA VAL A 168 27.90 5.15 16.43
C VAL A 168 26.91 4.36 17.27
N TYR A 169 26.19 5.06 18.14
CA TYR A 169 25.35 4.42 19.15
C TYR A 169 23.89 4.69 18.80
N SER A 170 23.27 3.73 18.11
CA SER A 170 21.86 3.80 17.77
C SER A 170 21.04 3.14 18.87
N CYS A 171 20.01 3.84 19.34
CA CYS A 171 19.25 3.41 20.50
C CYS A 171 17.80 3.13 20.12
N GLU A 172 17.20 2.20 20.87
CA GLU A 172 15.76 1.98 20.86
C GLU A 172 15.13 2.40 22.18
N TRP A 173 15.73 3.43 22.79
CA TRP A 173 15.29 3.91 24.12
C TRP A 173 13.86 4.49 24.12
N PRO A 174 13.45 5.40 23.24
CA PRO A 174 12.04 5.82 23.29
C PRO A 174 11.09 4.87 22.57
N LEU A 175 11.60 3.79 21.99
CA LEU A 175 10.75 2.83 21.28
C LEU A 175 9.91 2.00 22.25
N TYR A 176 10.51 1.53 23.35
CA TYR A 176 9.82 0.62 24.25
C TYR A 176 9.34 1.31 25.52
N MET A 177 9.18 2.64 25.50
CA MET A 177 8.65 3.38 26.63
C MET A 177 7.53 4.34 26.24
N TRP A 178 7.21 4.47 24.96
CA TRP A 178 6.11 5.36 24.56
C TRP A 178 4.70 4.97 25.01
N PRO A 179 4.29 3.68 25.20
CA PRO A 179 2.93 3.46 25.72
C PRO A 179 2.71 3.90 27.16
N PHE A 180 3.77 4.12 27.95
CA PHE A 180 3.56 4.47 29.35
C PHE A 180 4.53 5.53 29.87
N GLN A 181 5.20 6.26 28.99
CA GLN A 181 6.06 7.37 29.41
C GLN A 181 6.26 8.33 28.24
N LYS A 182 6.24 9.63 28.53
CA LYS A 182 6.68 10.62 27.57
C LYS A 182 8.20 10.80 27.70
N PRO A 183 8.97 10.50 26.67
CA PRO A 183 10.43 10.52 26.80
C PRO A 183 10.99 11.92 26.92
N ASN A 184 11.93 12.10 27.85
CA ASN A 184 12.74 13.29 27.97
C ASN A 184 13.90 13.11 26.99
N TYR A 185 13.72 13.66 25.78
CA TYR A 185 14.67 13.45 24.69
C TYR A 185 15.98 14.19 24.88
N THR A 186 16.09 15.09 25.87
CA THR A 186 17.37 15.69 26.21
C THR A 186 18.34 14.63 26.74
N GLU A 187 17.85 13.72 27.59
CA GLU A 187 18.65 12.59 28.06
C GLU A 187 19.07 11.68 26.91
N ILE A 188 18.13 11.39 26.01
CA ILE A 188 18.39 10.46 24.92
C ILE A 188 19.37 11.06 23.92
N ARG A 189 19.28 12.37 23.68
CA ARG A 189 20.29 13.05 22.87
C ARG A 189 21.64 13.09 23.58
N GLN A 190 21.63 13.23 24.91
CA GLN A 190 22.86 13.23 25.68
C GLN A 190 23.57 11.88 25.64
N TYR A 191 22.83 10.78 25.50
CA TYR A 191 23.44 9.47 25.55
C TYR A 191 23.37 8.65 24.27
N CYS A 192 22.77 9.16 23.19
CA CYS A 192 22.66 8.37 21.96
C CYS A 192 22.98 9.22 20.74
N ASN A 193 23.39 8.54 19.67
CA ASN A 193 23.65 9.15 18.36
C ASN A 193 22.39 9.30 17.53
N HIS A 194 21.53 8.28 17.49
CA HIS A 194 20.16 8.45 17.00
C HIS A 194 19.28 7.44 17.71
N TRP A 195 17.98 7.74 17.76
CA TRP A 195 17.04 6.99 18.58
C TRP A 195 15.83 6.58 17.76
N ARG A 196 15.42 5.32 17.91
CA ARG A 196 14.22 4.80 17.25
C ARG A 196 13.00 5.28 18.00
N ASN A 197 12.09 5.96 17.31
CA ASN A 197 10.94 6.58 17.95
C ASN A 197 9.72 5.66 17.97
N PHE A 198 9.24 5.27 16.80
CA PHE A 198 8.02 4.49 16.67
C PHE A 198 8.36 3.06 16.24
N ALA A 199 7.33 2.24 16.10
CA ALA A 199 7.44 0.79 15.94
C ALA A 199 8.10 0.43 14.61
N ASP A 200 8.40 -0.86 14.47
CA ASP A 200 9.26 -1.34 13.40
C ASP A 200 8.57 -1.26 12.04
N ILE A 201 9.32 -0.78 11.04
CA ILE A 201 8.79 -0.58 9.71
C ILE A 201 8.70 -1.92 9.00
N ASP A 202 7.77 -2.03 8.06
CA ASP A 202 7.67 -3.22 7.22
C ASP A 202 7.45 -2.78 5.77
N ASP A 203 7.23 -3.77 4.90
CA ASP A 203 7.12 -3.51 3.47
C ASP A 203 5.67 -3.20 3.11
N SER A 204 5.22 -2.04 3.58
CA SER A 204 3.83 -1.64 3.40
C SER A 204 3.71 -0.12 3.47
N TRP A 205 2.71 0.41 2.74
CA TRP A 205 2.34 1.81 2.81
C TRP A 205 1.70 2.17 4.15
N LYS A 206 1.16 1.17 4.85
CA LYS A 206 0.59 1.36 6.19
C LYS A 206 1.62 1.86 7.18
N SER A 207 2.83 1.27 7.14
CA SER A 207 3.87 1.66 8.09
C SER A 207 4.40 3.06 7.79
N ILE A 208 4.51 3.39 6.50
CA ILE A 208 4.92 4.75 6.09
C ILE A 208 3.91 5.77 6.59
N LYS A 209 2.62 5.48 6.41
CA LYS A 209 1.54 6.36 6.87
C LYS A 209 1.58 6.54 8.39
N SER A 210 1.72 5.45 9.13
CA SER A 210 1.65 5.51 10.58
C SER A 210 2.88 6.21 11.17
N ILE A 211 4.06 5.94 10.62
CA ILE A 211 5.28 6.59 11.10
C ILE A 211 5.26 8.09 10.81
N LEU A 212 4.82 8.48 9.61
CA LEU A 212 4.73 9.91 9.30
C LEU A 212 3.68 10.62 10.14
N ASP A 213 2.54 9.96 10.42
CA ASP A 213 1.51 10.57 11.25
C ASP A 213 1.97 10.71 12.71
N TRP A 214 2.68 9.71 13.23
CA TRP A 214 3.19 9.80 14.60
C TRP A 214 4.28 10.86 14.71
N THR A 215 5.12 10.99 13.68
CA THR A 215 6.17 12.01 13.70
C THR A 215 5.58 13.40 13.60
N SER A 216 4.54 13.58 12.78
CA SER A 216 3.92 14.89 12.66
C SER A 216 3.08 15.24 13.89
N PHE A 217 2.57 14.24 14.61
CA PHE A 217 1.80 14.55 15.82
C PHE A 217 2.72 14.97 16.96
N ASN A 218 3.87 14.30 17.12
CA ASN A 218 4.80 14.60 18.19
C ASN A 218 5.94 15.51 17.73
N GLN A 219 5.71 16.34 16.72
CA GLN A 219 6.79 17.15 16.16
C GLN A 219 7.19 18.31 17.06
N GLU A 220 6.35 18.67 18.04
CA GLU A 220 6.71 19.74 18.96
C GLU A 220 7.77 19.29 19.98
N ARG A 221 7.97 17.99 20.15
CA ARG A 221 8.88 17.48 21.16
C ARG A 221 10.13 16.82 20.59
N ILE A 222 10.18 16.54 19.29
CA ILE A 222 11.30 15.80 18.70
C ILE A 222 12.01 16.54 17.59
N VAL A 223 11.52 17.70 17.15
CA VAL A 223 12.16 18.38 16.02
C VAL A 223 13.35 19.20 16.48
N ASP A 224 13.19 19.99 17.55
CA ASP A 224 14.28 20.84 18.03
C ASP A 224 15.37 20.04 18.74
N VAL A 225 15.05 18.82 19.19
CA VAL A 225 16.07 17.94 19.76
C VAL A 225 17.03 17.48 18.67
N ALA A 226 16.55 17.30 17.44
CA ALA A 226 17.38 16.81 16.36
C ALA A 226 18.37 17.86 15.89
N GLY A 227 19.62 17.45 15.76
CA GLY A 227 20.69 18.31 15.29
C GLY A 227 21.88 17.47 14.86
N PRO A 228 23.01 18.11 14.57
CA PRO A 228 24.25 17.35 14.36
C PRO A 228 24.66 16.62 15.62
N GLY A 229 24.82 15.30 15.51
CA GLY A 229 25.14 14.46 16.63
C GLY A 229 23.95 13.72 17.22
N GLY A 230 22.73 14.18 16.96
CA GLY A 230 21.56 13.46 17.43
C GLY A 230 20.39 13.53 16.46
N TRP A 231 19.88 12.39 16.02
CA TRP A 231 18.86 12.34 14.99
C TRP A 231 17.68 11.49 15.45
N ASN A 232 16.54 11.71 14.80
CA ASN A 232 15.36 10.88 14.99
C ASN A 232 15.36 9.77 13.94
N ASP A 233 15.29 8.52 14.39
CA ASP A 233 15.38 7.37 13.50
C ASP A 233 13.99 6.80 13.26
N PRO A 234 13.39 6.98 12.07
CA PRO A 234 12.13 6.32 11.74
C PRO A 234 12.31 4.96 11.06
N ASP A 235 13.19 4.13 11.61
CA ASP A 235 13.59 2.80 11.14
C ASP A 235 14.16 2.91 9.72
N MET A 236 13.98 1.86 8.92
CA MET A 236 14.75 1.64 7.70
C MET A 236 14.03 2.13 6.46
N LEU A 237 14.81 2.34 5.40
CA LEU A 237 14.27 2.55 4.06
C LEU A 237 13.89 1.20 3.46
N VAL A 238 12.64 1.06 3.04
CA VAL A 238 12.15 -0.17 2.44
C VAL A 238 12.01 -0.04 0.92
N ILE A 239 12.71 0.92 0.33
CA ILE A 239 12.67 1.13 -1.12
C ILE A 239 13.52 0.05 -1.79
N GLY A 240 12.94 -0.59 -2.81
CA GLY A 240 13.58 -1.71 -3.46
C GLY A 240 13.02 -3.06 -3.06
N ASN A 241 11.79 -3.08 -2.52
CA ASN A 241 11.19 -4.31 -2.01
C ASN A 241 9.82 -4.52 -2.64
N PHE A 242 9.05 -5.44 -2.06
CA PHE A 242 7.91 -6.06 -2.74
C PHE A 242 6.59 -5.32 -2.53
N GLY A 243 6.41 -4.66 -1.39
CA GLY A 243 5.10 -4.17 -1.00
C GLY A 243 4.90 -2.66 -1.03
N LEU A 244 5.68 -1.94 -1.83
CA LEU A 244 5.49 -0.51 -1.99
C LEU A 244 5.34 -0.16 -3.47
N SER A 245 4.38 0.72 -3.76
CA SER A 245 4.30 1.31 -5.08
C SER A 245 5.43 2.31 -5.28
N TRP A 246 5.63 2.72 -6.53
CA TRP A 246 6.71 3.66 -6.85
C TRP A 246 6.48 5.01 -6.21
N ASN A 247 5.22 5.47 -6.19
CA ASN A 247 4.88 6.74 -5.56
C ASN A 247 5.10 6.68 -4.05
N GLN A 248 4.82 5.53 -3.43
CA GLN A 248 5.05 5.36 -2.00
C GLN A 248 6.53 5.31 -1.68
N GLN A 249 7.34 4.74 -2.57
CA GLN A 249 8.79 4.76 -2.42
C GLN A 249 9.33 6.19 -2.53
N VAL A 250 8.78 6.97 -3.47
CA VAL A 250 9.15 8.38 -3.60
C VAL A 250 8.76 9.15 -2.34
N THR A 251 7.59 8.82 -1.77
CA THR A 251 7.14 9.43 -0.51
C THR A 251 8.10 9.14 0.62
N GLN A 252 8.54 7.88 0.75
CA GLN A 252 9.48 7.51 1.82
C GLN A 252 10.83 8.21 1.63
N MET A 253 11.35 8.25 0.40
CA MET A 253 12.65 8.89 0.16
C MET A 253 12.60 10.39 0.43
N ALA A 254 11.55 11.06 -0.05
CA ALA A 254 11.41 12.51 0.16
C ALA A 254 11.20 12.85 1.63
N LEU A 255 10.36 12.09 2.33
CA LEU A 255 10.08 12.41 3.72
C LEU A 255 11.23 12.01 4.64
N TRP A 256 12.04 11.03 4.25
CA TRP A 256 13.26 10.75 4.99
C TRP A 256 14.31 11.81 4.74
N ALA A 257 14.28 12.45 3.55
CA ALA A 257 15.13 13.61 3.31
C ALA A 257 14.69 14.80 4.15
N ILE A 258 13.38 14.99 4.31
CA ILE A 258 12.87 16.13 5.10
C ILE A 258 13.17 15.94 6.59
N MET A 259 12.95 14.73 7.11
CA MET A 259 13.03 14.49 8.55
C MET A 259 14.45 14.32 9.08
N ALA A 260 15.48 14.59 8.25
CA ALA A 260 16.90 14.39 8.59
C ALA A 260 17.16 12.98 9.08
N ALA A 261 16.52 12.01 8.42
CA ALA A 261 16.46 10.64 8.89
C ALA A 261 17.73 9.87 8.55
N PRO A 262 18.14 8.92 9.40
CA PRO A 262 19.25 8.04 9.03
C PRO A 262 18.84 7.06 7.94
N LEU A 263 19.41 7.23 6.76
CA LEU A 263 19.04 6.45 5.58
C LEU A 263 19.69 5.07 5.67
N PHE A 264 19.01 4.16 6.35
CA PHE A 264 19.45 2.77 6.45
C PHE A 264 18.64 1.94 5.47
N MET A 265 19.31 1.46 4.41
CA MET A 265 18.67 0.60 3.44
C MET A 265 18.37 -0.77 4.04
N SER A 266 17.27 -1.38 3.60
CA SER A 266 17.03 -2.79 3.83
C SER A 266 16.44 -3.36 2.54
N ASN A 267 17.31 -3.80 1.65
CA ASN A 267 16.92 -4.40 0.38
C ASN A 267 17.86 -5.55 0.08
N ASP A 268 17.80 -6.05 -1.14
CA ASP A 268 18.78 -7.00 -1.66
C ASP A 268 19.53 -6.26 -2.76
N LEU A 269 20.81 -5.95 -2.50
CA LEU A 269 21.62 -5.27 -3.51
C LEU A 269 21.99 -6.19 -4.67
N ARG A 270 21.91 -7.51 -4.47
CA ARG A 270 22.07 -8.44 -5.57
C ARG A 270 20.92 -8.33 -6.57
N HIS A 271 19.70 -8.12 -6.07
CA HIS A 271 18.49 -8.08 -6.90
C HIS A 271 17.72 -6.80 -6.56
N ILE A 272 18.06 -5.71 -7.23
CA ILE A 272 17.38 -4.42 -7.06
C ILE A 272 17.08 -3.85 -8.43
N SER A 273 15.91 -3.24 -8.57
CA SER A 273 15.55 -2.59 -9.82
C SER A 273 16.41 -1.33 -10.04
N PRO A 274 16.70 -0.99 -11.31
CA PRO A 274 17.46 0.25 -11.57
C PRO A 274 16.73 1.52 -11.16
N GLN A 275 15.40 1.50 -11.15
CA GLN A 275 14.63 2.68 -10.76
C GLN A 275 14.76 2.94 -9.26
N ALA A 276 14.74 1.88 -8.45
CA ALA A 276 14.96 2.04 -7.01
C ALA A 276 16.40 2.44 -6.71
N LYS A 277 17.36 1.97 -7.52
CA LYS A 277 18.74 2.42 -7.37
C LYS A 277 18.89 3.90 -7.70
N ALA A 278 18.21 4.37 -8.76
CA ALA A 278 18.26 5.77 -9.12
C ALA A 278 17.55 6.65 -8.09
N LEU A 279 16.50 6.13 -7.47
CA LEU A 279 15.84 6.88 -6.40
C LEU A 279 16.69 6.94 -5.14
N LEU A 280 17.32 5.82 -4.77
CA LEU A 280 18.10 5.75 -3.53
C LEU A 280 19.47 6.39 -3.65
N GLN A 281 19.94 6.69 -4.86
CA GLN A 281 21.22 7.34 -5.08
C GLN A 281 21.06 8.75 -5.64
N ASP A 282 19.91 9.39 -5.36
CA ASP A 282 19.64 10.71 -5.88
C ASP A 282 20.50 11.73 -5.14
N LYS A 283 21.30 12.50 -5.88
CA LYS A 283 22.25 13.41 -5.26
C LYS A 283 21.56 14.60 -4.58
N ASP A 284 20.57 15.19 -5.27
CA ASP A 284 19.89 16.37 -4.75
C ASP A 284 18.93 16.06 -3.61
N VAL A 285 18.65 14.79 -3.34
CA VAL A 285 17.80 14.39 -2.22
C VAL A 285 18.64 13.99 -1.01
N ILE A 286 19.71 13.24 -1.26
CA ILE A 286 20.69 12.92 -0.21
C ILE A 286 21.34 14.20 0.31
N ALA A 287 21.53 15.20 -0.56
CA ALA A 287 22.02 16.51 -0.13
C ALA A 287 21.05 17.20 0.84
N ILE A 288 19.73 17.00 0.64
CA ILE A 288 18.77 17.46 1.64
C ILE A 288 18.91 16.67 2.94
N ASN A 289 19.09 15.36 2.84
CA ASN A 289 19.30 14.54 4.03
C ASN A 289 20.60 14.91 4.74
N GLN A 290 21.69 15.09 3.99
CA GLN A 290 23.00 15.38 4.55
C GLN A 290 23.30 16.87 4.52
N ASP A 291 22.29 17.70 4.77
CA ASP A 291 22.49 19.14 4.88
C ASP A 291 23.33 19.44 6.13
N PRO A 292 24.41 20.21 6.00
CA PRO A 292 25.32 20.41 7.15
C PRO A 292 24.72 21.18 8.31
N LEU A 293 23.66 21.96 8.09
CA LEU A 293 23.00 22.63 9.19
C LEU A 293 22.31 21.62 10.11
N GLY A 294 21.73 20.57 9.53
CA GLY A 294 21.18 19.47 10.29
C GLY A 294 19.96 19.77 11.14
N LYS A 295 19.04 20.58 10.63
CA LYS A 295 17.82 20.91 11.35
C LYS A 295 16.67 20.11 10.73
N GLN A 296 15.97 19.36 11.58
CA GLN A 296 14.91 18.47 11.10
C GLN A 296 13.70 19.27 10.64
N GLY A 297 13.09 18.83 9.54
CA GLY A 297 11.88 19.42 9.05
C GLY A 297 10.66 19.06 9.90
N TYR A 298 9.52 19.58 9.48
CA TYR A 298 8.29 19.47 10.26
C TYR A 298 7.10 19.58 9.33
N GLN A 299 5.96 19.07 9.78
CA GLN A 299 4.72 19.24 9.05
C GLN A 299 4.27 20.69 9.15
N LEU A 300 4.15 21.36 8.00
CA LEU A 300 3.66 22.74 8.02
C LEU A 300 2.14 22.77 8.11
N ARG A 301 1.46 22.01 7.26
CA ARG A 301 -0.01 22.01 7.32
C ARG A 301 -0.57 20.68 6.85
N GLN A 302 -1.83 20.45 7.22
CA GLN A 302 -2.56 19.25 6.81
C GLN A 302 -4.01 19.63 6.52
N GLY A 303 -4.65 18.87 5.65
CA GLY A 303 -6.04 19.10 5.32
C GLY A 303 -6.35 18.73 3.88
N ASP A 304 -7.61 18.32 3.66
CA ASP A 304 -8.14 17.84 2.37
C ASP A 304 -7.30 16.68 1.83
N ASN A 305 -6.88 15.80 2.74
CA ASN A 305 -5.95 14.69 2.48
C ASN A 305 -4.66 15.18 1.81
N PHE A 306 -4.19 16.33 2.27
CA PHE A 306 -2.94 16.93 1.80
C PHE A 306 -2.06 17.21 3.00
N GLU A 307 -0.76 16.97 2.84
CA GLU A 307 0.23 17.30 3.85
C GLU A 307 1.32 18.13 3.23
N VAL A 308 1.73 19.20 3.90
CA VAL A 308 2.84 20.04 3.45
C VAL A 308 3.87 20.07 4.58
N TRP A 309 5.09 19.64 4.24
CA TRP A 309 6.24 19.61 5.13
C TRP A 309 7.32 20.53 4.57
N GLU A 310 8.09 21.16 5.45
CA GLU A 310 9.21 21.98 5.03
C GLU A 310 10.40 21.77 5.96
N ARG A 311 11.60 21.78 5.38
CA ARG A 311 12.83 21.62 6.13
C ARG A 311 13.75 22.80 5.82
N PRO A 312 14.29 23.48 6.83
CA PRO A 312 15.30 24.51 6.56
C PRO A 312 16.61 23.89 6.11
N LEU A 313 17.18 24.45 5.04
CA LEU A 313 18.44 23.99 4.50
C LEU A 313 19.51 25.06 4.68
N SER A 314 20.77 24.65 4.49
CA SER A 314 21.90 25.56 4.69
C SER A 314 22.04 26.50 3.51
N GLY A 315 22.23 27.79 3.81
CA GLY A 315 22.48 28.78 2.78
C GLY A 315 21.24 29.43 2.21
N LEU A 316 20.33 29.84 3.11
CA LEU A 316 19.07 30.52 2.78
C LEU A 316 18.17 29.69 1.86
N ALA A 317 18.29 28.37 1.92
CA ALA A 317 17.54 27.46 1.07
C ALA A 317 16.56 26.66 1.92
N TRP A 318 15.53 26.12 1.27
CA TRP A 318 14.52 25.35 1.95
C TRP A 318 14.17 24.13 1.08
N ALA A 319 13.60 23.12 1.72
CA ALA A 319 13.13 21.92 1.02
C ALA A 319 11.66 21.71 1.37
N VAL A 320 10.81 21.68 0.35
CA VAL A 320 9.37 21.62 0.54
C VAL A 320 8.85 20.31 -0.05
N ALA A 321 8.18 19.51 0.79
CA ALA A 321 7.56 18.27 0.35
C ALA A 321 6.05 18.38 0.47
N MET A 322 5.34 17.92 -0.55
CA MET A 322 3.88 17.93 -0.55
C MET A 322 3.38 16.52 -0.83
N ILE A 323 2.49 16.03 0.03
CA ILE A 323 1.96 14.67 -0.03
C ILE A 323 0.47 14.75 -0.32
N ASN A 324 0.01 13.95 -1.28
CA ASN A 324 -1.40 13.73 -1.53
C ASN A 324 -1.78 12.45 -0.79
N ARG A 325 -2.43 12.60 0.36
CA ARG A 325 -2.81 11.47 1.19
C ARG A 325 -4.13 10.82 0.76
N GLN A 326 -4.79 11.39 -0.25
CA GLN A 326 -6.02 10.79 -0.77
C GLN A 326 -5.67 9.59 -1.62
N GLU A 327 -6.10 8.40 -1.18
CA GLU A 327 -5.74 7.15 -1.85
C GLU A 327 -6.77 6.74 -2.90
N ILE A 328 -7.51 7.70 -3.46
CA ILE A 328 -8.48 7.45 -4.52
C ILE A 328 -8.36 8.58 -5.55
N GLY A 329 -8.36 8.22 -6.82
CA GLY A 329 -8.35 9.22 -7.88
C GLY A 329 -7.09 9.27 -8.71
N GLY A 330 -6.75 10.47 -9.19
CA GLY A 330 -5.57 10.68 -10.00
C GLY A 330 -4.75 11.85 -9.48
N PRO A 331 -3.94 12.47 -10.37
CA PRO A 331 -3.10 13.60 -9.95
C PRO A 331 -3.91 14.82 -9.52
N ARG A 332 -3.86 15.11 -8.22
CA ARG A 332 -4.62 16.20 -7.64
C ARG A 332 -3.79 17.49 -7.65
N SER A 333 -4.44 18.59 -7.99
CA SER A 333 -3.77 19.88 -8.03
C SER A 333 -3.76 20.51 -6.64
N TYR A 334 -2.62 21.10 -6.28
CA TYR A 334 -2.47 21.81 -5.02
C TYR A 334 -1.81 23.15 -5.28
N THR A 335 -2.40 24.21 -4.74
CA THR A 335 -1.89 25.57 -4.88
C THR A 335 -1.65 26.16 -3.50
N ILE A 336 -0.46 26.70 -3.28
CA ILE A 336 -0.09 27.29 -2.00
C ILE A 336 0.68 28.59 -2.26
N ALA A 337 0.42 29.61 -1.43
CA ALA A 337 1.20 30.83 -1.52
C ALA A 337 2.59 30.60 -0.95
N VAL A 338 3.61 31.04 -1.68
CA VAL A 338 5.00 30.85 -1.24
C VAL A 338 5.41 31.82 -0.14
N ALA A 339 4.57 32.81 0.18
CA ALA A 339 4.82 33.66 1.32
C ALA A 339 4.60 32.94 2.66
N SER A 340 3.87 31.83 2.64
CA SER A 340 3.70 30.99 3.82
C SER A 340 4.80 29.96 3.98
N LEU A 341 5.70 29.85 3.01
CA LEU A 341 6.79 28.87 3.06
C LEU A 341 8.02 29.49 3.72
N GLY A 342 8.61 28.76 4.66
CA GLY A 342 9.85 29.18 5.30
C GLY A 342 9.74 30.41 6.18
N LYS A 343 8.65 30.53 6.95
CA LYS A 343 8.38 31.62 7.89
C LYS A 343 8.37 32.99 7.21
N GLY A 344 7.99 33.05 5.94
CA GLY A 344 7.88 34.29 5.20
C GLY A 344 9.17 34.83 4.64
N VAL A 345 10.30 34.18 4.86
CA VAL A 345 11.61 34.67 4.40
C VAL A 345 12.22 33.78 3.33
N ALA A 346 11.60 32.65 3.00
CA ALA A 346 12.17 31.73 2.02
C ALA A 346 12.05 32.28 0.59
N CYS A 347 11.07 33.13 0.34
CA CYS A 347 10.85 33.69 -0.99
C CYS A 347 10.70 35.21 -0.91
N ASN A 348 11.46 35.85 -0.03
CA ASN A 348 11.43 37.30 0.10
C ASN A 348 12.72 37.89 -0.47
N PRO A 349 12.66 38.64 -1.59
CA PRO A 349 11.48 38.91 -2.42
C PRO A 349 11.27 37.88 -3.53
N ALA A 350 12.27 37.09 -3.91
CA ALA A 350 12.11 36.13 -4.99
C ALA A 350 12.89 34.86 -4.69
N CYS A 351 12.32 33.72 -5.05
CA CYS A 351 12.94 32.42 -4.86
C CYS A 351 12.86 31.60 -6.14
N PHE A 352 13.95 30.89 -6.46
CA PHE A 352 13.93 29.93 -7.54
C PHE A 352 13.53 28.57 -6.98
N ILE A 353 12.62 27.90 -7.68
CA ILE A 353 12.07 26.62 -7.24
C ILE A 353 12.47 25.55 -8.23
N THR A 354 13.14 24.50 -7.74
CA THR A 354 13.58 23.38 -8.57
C THR A 354 12.95 22.11 -8.01
N GLN A 355 12.04 21.52 -8.76
CA GLN A 355 11.45 20.25 -8.35
C GLN A 355 12.49 19.15 -8.50
N LEU A 356 12.63 18.31 -7.47
CA LEU A 356 13.59 17.22 -7.43
C LEU A 356 12.95 15.85 -7.54
N LEU A 357 11.80 15.66 -6.90
CA LEU A 357 11.02 14.44 -6.96
C LEU A 357 9.58 14.77 -7.31
N PRO A 358 8.87 13.89 -8.06
CA PRO A 358 9.29 12.60 -8.62
C PRO A 358 10.15 12.73 -9.87
N VAL A 359 10.26 13.91 -10.46
CA VAL A 359 11.17 14.18 -11.56
C VAL A 359 11.96 15.44 -11.24
N LYS A 360 13.14 15.54 -11.86
CA LYS A 360 14.03 16.68 -11.65
C LYS A 360 13.75 17.72 -12.74
N ARG A 361 13.11 18.83 -12.36
CA ARG A 361 12.81 19.89 -13.30
C ARG A 361 12.80 21.22 -12.57
N LYS A 362 13.06 22.30 -13.30
CA LYS A 362 13.09 23.64 -12.76
C LYS A 362 11.77 24.35 -13.06
N LEU A 363 11.28 25.12 -12.09
CA LEU A 363 9.97 25.75 -12.19
C LEU A 363 10.04 27.28 -12.25
N GLY A 364 11.23 27.85 -12.43
CA GLY A 364 11.35 29.28 -12.58
C GLY A 364 11.26 30.04 -11.27
N PHE A 365 11.31 31.36 -11.38
CA PHE A 365 11.32 32.26 -10.23
C PHE A 365 9.90 32.57 -9.76
N TYR A 366 9.76 32.72 -8.45
CA TYR A 366 8.49 33.07 -7.82
C TYR A 366 8.73 34.25 -6.89
N GLU A 367 7.93 35.30 -7.05
CA GLU A 367 8.03 36.45 -6.17
C GLU A 367 7.33 36.14 -4.84
N TRP A 368 7.37 37.11 -3.91
CA TRP A 368 6.84 36.88 -2.57
C TRP A 368 5.32 36.74 -2.57
N THR A 369 4.63 37.51 -3.42
CA THR A 369 3.18 37.47 -3.50
C THR A 369 2.67 36.40 -4.47
N SER A 370 3.56 35.67 -5.12
CA SER A 370 3.15 34.67 -6.10
C SER A 370 2.61 33.41 -5.42
N ARG A 371 1.96 32.58 -6.21
CA ARG A 371 1.40 31.31 -5.76
C ARG A 371 1.96 30.16 -6.59
N LEU A 372 2.32 29.08 -5.91
CA LEU A 372 2.88 27.89 -6.55
C LEU A 372 1.79 26.84 -6.70
N ARG A 373 1.63 26.32 -7.92
CA ARG A 373 0.67 25.28 -8.23
C ARG A 373 1.40 24.07 -8.77
N SER A 374 1.10 22.90 -8.19
CA SER A 374 1.72 21.65 -8.61
C SER A 374 0.66 20.55 -8.65
N HIS A 375 1.02 19.42 -9.25
CA HIS A 375 0.15 18.26 -9.34
C HIS A 375 0.82 17.10 -8.64
N ILE A 376 0.10 16.46 -7.73
CA ILE A 376 0.65 15.40 -6.88
C ILE A 376 -0.12 14.12 -7.14
N ASN A 377 0.61 13.03 -7.38
CA ASN A 377 -0.01 11.73 -7.54
C ASN A 377 -0.53 11.21 -6.20
N PRO A 378 -1.56 10.37 -6.20
CA PRO A 378 -2.03 9.76 -4.94
C PRO A 378 -0.97 8.84 -4.34
N THR A 379 -0.85 8.92 -3.01
CA THR A 379 0.20 8.27 -2.21
C THR A 379 1.60 8.62 -2.72
N GLY A 380 1.75 9.85 -3.21
CA GLY A 380 3.01 10.32 -3.75
C GLY A 380 3.40 11.65 -3.12
N THR A 381 4.65 12.03 -3.34
CA THR A 381 5.20 13.24 -2.77
C THR A 381 5.96 14.01 -3.83
N VAL A 382 5.64 15.30 -3.96
CA VAL A 382 6.41 16.22 -4.80
C VAL A 382 7.37 16.96 -3.87
N LEU A 383 8.68 16.77 -4.09
CA LEU A 383 9.71 17.38 -3.28
C LEU A 383 10.44 18.42 -4.12
N LEU A 384 10.66 19.60 -3.54
CA LEU A 384 11.21 20.73 -4.27
C LEU A 384 12.25 21.42 -3.41
N GLN A 385 13.19 22.11 -4.07
CA GLN A 385 14.24 22.88 -3.41
C GLN A 385 14.06 24.35 -3.77
N LEU A 386 14.09 25.22 -2.76
CA LEU A 386 13.86 26.64 -2.92
C LEU A 386 15.14 27.40 -2.55
N GLU A 387 15.61 28.22 -3.49
CA GLU A 387 16.73 29.12 -3.27
C GLU A 387 16.21 30.48 -2.79
N ASN A 388 17.06 31.48 -2.82
CA ASN A 388 16.68 32.84 -2.42
C ASN A 388 17.52 33.82 -3.22
N THR A 389 17.66 35.05 -2.71
CA THR A 389 18.47 36.08 -3.35
C THR A 389 19.95 35.72 -3.43
N MET A 390 20.42 34.78 -2.60
CA MET A 390 21.82 34.36 -2.62
C MET A 390 22.12 33.50 -3.85
N GLN A 391 22.07 34.13 -5.02
CA GLN A 391 22.35 33.49 -6.30
C GLN A 391 23.04 34.51 -7.17
N MET A 392 23.64 34.04 -8.26
CA MET A 392 24.42 34.92 -9.13
C MET A 392 23.50 35.89 -9.87
N SER A 393 24.09 37.00 -10.32
CA SER A 393 23.38 37.96 -11.15
C SER A 393 23.01 37.40 -12.51
N LEU A 394 23.68 36.32 -12.94
CA LEU A 394 23.24 35.53 -14.06
C LEU A 394 21.96 34.79 -13.68
N LYS A 395 20.80 35.39 -13.99
CA LYS A 395 19.46 34.87 -13.72
C LYS A 395 19.23 34.64 -12.23
N LEU B 1 -30.94 -13.76 -14.09
CA LEU B 1 -31.29 -13.05 -15.32
C LEU B 1 -30.98 -13.89 -16.55
N ASP B 2 -32.03 -14.40 -17.20
CA ASP B 2 -31.88 -15.20 -18.41
C ASP B 2 -31.97 -14.32 -19.67
N ASN B 3 -31.15 -13.27 -19.71
CA ASN B 3 -31.12 -12.35 -20.83
C ASN B 3 -30.16 -12.79 -21.94
N GLY B 4 -29.49 -13.93 -21.77
CA GLY B 4 -28.51 -14.38 -22.74
C GLY B 4 -27.17 -13.68 -22.66
N LEU B 5 -26.98 -12.79 -21.70
CA LEU B 5 -25.77 -12.00 -21.54
C LEU B 5 -25.05 -12.42 -20.27
N ALA B 6 -23.78 -11.99 -20.19
CA ALA B 6 -22.85 -12.31 -19.09
C ALA B 6 -22.72 -13.81 -18.86
N ARG B 7 -22.67 -14.57 -19.95
CA ARG B 7 -22.38 -16.00 -19.86
C ARG B 7 -20.95 -16.25 -19.40
N THR B 8 -20.05 -15.36 -19.78
CA THR B 8 -18.71 -15.20 -19.23
C THR B 8 -18.69 -13.93 -18.38
N PRO B 9 -17.73 -13.77 -17.46
CA PRO B 9 -17.63 -12.51 -16.70
C PRO B 9 -17.36 -11.31 -17.60
N THR B 10 -18.00 -10.20 -17.27
CA THR B 10 -17.98 -9.02 -18.14
C THR B 10 -16.64 -8.31 -18.06
N MET B 11 -16.10 -7.94 -19.21
CA MET B 11 -14.82 -7.25 -19.31
C MET B 11 -15.03 -5.88 -19.94
N GLY B 12 -14.42 -4.86 -19.35
CA GLY B 12 -14.56 -3.52 -19.88
C GLY B 12 -13.77 -2.45 -19.17
N TRP B 13 -14.37 -1.28 -18.98
CA TRP B 13 -13.65 -0.12 -18.44
C TRP B 13 -14.63 0.82 -17.77
N LEU B 14 -14.41 1.11 -16.49
CA LEU B 14 -15.15 2.10 -15.72
C LEU B 14 -14.21 3.26 -15.38
N HIS B 15 -14.76 4.36 -14.87
CA HIS B 15 -13.98 5.56 -14.65
C HIS B 15 -13.94 6.05 -13.21
N TRP B 16 -14.66 5.41 -12.29
CA TRP B 16 -14.87 6.01 -10.96
C TRP B 16 -13.61 6.00 -10.10
N GLU B 17 -12.77 4.97 -10.22
CA GLU B 17 -11.59 4.92 -9.36
C GLU B 17 -10.51 5.89 -9.82
N ARG B 18 -10.33 6.05 -11.14
CA ARG B 18 -9.26 6.91 -11.62
C ARG B 18 -9.68 8.38 -11.75
N PHE B 19 -10.90 8.63 -12.24
CA PHE B 19 -11.30 10.00 -12.56
C PHE B 19 -12.34 10.60 -11.63
N MET B 20 -13.15 9.77 -10.96
CA MET B 20 -14.11 10.15 -9.91
C MET B 20 -15.15 11.12 -10.48
N CYS B 21 -15.27 12.33 -9.96
CA CYS B 21 -16.30 13.31 -10.31
C CYS B 21 -15.66 14.65 -10.64
N ASN B 22 -14.66 14.62 -11.52
CA ASN B 22 -13.96 15.84 -11.92
C ASN B 22 -14.86 16.64 -12.85
N LEU B 23 -15.45 17.72 -12.36
CA LEU B 23 -16.33 18.56 -13.14
C LEU B 23 -15.68 19.89 -13.55
N ASP B 24 -14.45 20.14 -13.12
CA ASP B 24 -13.75 21.38 -13.46
C ASP B 24 -12.97 21.14 -14.76
N CYS B 25 -13.68 21.28 -15.88
CA CYS B 25 -13.09 21.06 -17.19
C CYS B 25 -12.30 22.26 -17.70
N GLN B 26 -12.43 23.43 -17.07
CA GLN B 26 -11.62 24.56 -17.48
C GLN B 26 -10.17 24.40 -17.03
N GLU B 27 -9.97 23.99 -15.78
CA GLU B 27 -8.62 23.82 -15.26
C GLU B 27 -7.99 22.51 -15.72
N GLU B 28 -8.75 21.42 -15.71
CA GLU B 28 -8.27 20.10 -16.10
C GLU B 28 -9.17 19.54 -17.18
N PRO B 29 -8.98 19.95 -18.44
CA PRO B 29 -9.83 19.42 -19.52
C PRO B 29 -9.53 17.98 -19.89
N ASP B 30 -8.29 17.54 -19.69
CA ASP B 30 -7.91 16.19 -20.08
C ASP B 30 -8.37 15.13 -19.07
N SER B 31 -8.67 15.52 -17.84
CA SER B 31 -8.99 14.57 -16.78
C SER B 31 -10.35 14.84 -16.15
N CYS B 32 -11.24 15.57 -16.82
CA CYS B 32 -12.59 15.79 -16.33
C CYS B 32 -13.56 14.85 -17.04
N ILE B 33 -14.78 14.79 -16.51
CA ILE B 33 -15.76 13.78 -16.94
C ILE B 33 -16.48 14.36 -18.15
N SER B 34 -15.89 14.14 -19.33
CA SER B 34 -16.44 14.65 -20.58
C SER B 34 -16.46 13.52 -21.61
N GLU B 35 -17.11 13.78 -22.74
CA GLU B 35 -17.17 12.78 -23.80
C GLU B 35 -15.84 12.65 -24.54
N LYS B 36 -14.97 13.66 -24.45
CA LYS B 36 -13.62 13.55 -25.01
C LYS B 36 -12.85 12.42 -24.34
N LEU B 37 -13.00 12.29 -23.02
CA LEU B 37 -12.36 11.22 -22.26
C LEU B 37 -12.80 9.85 -22.75
N PHE B 38 -14.11 9.65 -22.92
CA PHE B 38 -14.61 8.33 -23.33
C PHE B 38 -14.31 8.05 -24.80
N MET B 39 -14.28 9.08 -25.66
CA MET B 39 -13.88 8.89 -27.04
C MET B 39 -12.42 8.47 -27.15
N GLU B 40 -11.54 9.10 -26.37
CA GLU B 40 -10.13 8.72 -26.35
C GLU B 40 -9.94 7.33 -25.75
N MET B 41 -10.75 6.99 -24.74
CA MET B 41 -10.68 5.65 -24.14
C MET B 41 -11.12 4.58 -25.13
N ALA B 42 -12.15 4.84 -25.94
CA ALA B 42 -12.57 3.89 -26.96
C ALA B 42 -11.50 3.74 -28.05
N GLU B 43 -10.90 4.86 -28.45
CA GLU B 43 -9.83 4.82 -29.46
C GLU B 43 -8.63 4.02 -28.97
N LEU B 44 -8.26 4.17 -27.70
CA LEU B 44 -7.17 3.38 -27.17
C LEU B 44 -7.57 1.95 -26.82
N MET B 45 -8.85 1.69 -26.57
CA MET B 45 -9.29 0.31 -26.39
C MET B 45 -9.23 -0.46 -27.70
N VAL B 46 -9.40 0.22 -28.83
CA VAL B 46 -9.19 -0.43 -30.12
C VAL B 46 -7.70 -0.50 -30.46
N SER B 47 -6.99 0.63 -30.32
CA SER B 47 -5.65 0.75 -30.90
C SER B 47 -4.59 -0.01 -30.09
N GLU B 48 -4.76 -0.14 -28.78
CA GLU B 48 -3.77 -0.77 -27.93
C GLU B 48 -4.07 -2.25 -27.65
N GLY B 49 -5.04 -2.84 -28.36
CA GLY B 49 -5.33 -4.24 -28.17
C GLY B 49 -6.13 -4.58 -26.94
N TRP B 50 -6.79 -3.59 -26.32
CA TRP B 50 -7.64 -3.87 -25.17
C TRP B 50 -8.91 -4.60 -25.59
N LYS B 51 -9.41 -4.31 -26.79
CA LYS B 51 -10.54 -5.07 -27.33
C LYS B 51 -10.14 -6.51 -27.63
N ASP B 52 -8.93 -6.71 -28.16
CA ASP B 52 -8.48 -8.05 -28.54
C ASP B 52 -8.25 -8.94 -27.32
N ALA B 53 -7.94 -8.34 -26.16
CA ALA B 53 -7.83 -9.11 -24.94
C ALA B 53 -9.21 -9.56 -24.45
N GLY B 54 -10.23 -8.72 -24.61
CA GLY B 54 -11.57 -9.08 -24.20
C GLY B 54 -12.37 -7.94 -23.61
N TYR B 55 -11.70 -6.84 -23.28
CA TYR B 55 -12.37 -5.68 -22.69
C TYR B 55 -13.15 -4.94 -23.77
N GLU B 56 -14.46 -4.85 -23.62
CA GLU B 56 -15.29 -4.19 -24.64
C GLU B 56 -16.21 -3.13 -24.06
N TYR B 57 -16.72 -3.35 -22.85
CA TYR B 57 -17.77 -2.50 -22.28
C TYR B 57 -17.15 -1.22 -21.74
N LEU B 58 -17.15 -0.18 -22.55
CA LEU B 58 -16.70 1.14 -22.14
C LEU B 58 -17.82 1.80 -21.37
N CYS B 59 -17.71 1.81 -20.04
CA CYS B 59 -18.82 2.19 -19.18
C CYS B 59 -18.61 3.57 -18.58
N ILE B 60 -19.73 4.22 -18.24
CA ILE B 60 -19.75 5.50 -17.56
C ILE B 60 -20.30 5.29 -16.15
N ASP B 61 -19.57 5.77 -15.16
CA ASP B 61 -20.03 5.83 -13.77
C ASP B 61 -20.74 7.15 -13.54
N ASP B 62 -20.85 7.57 -12.28
CA ASP B 62 -21.57 8.78 -11.86
C ASP B 62 -20.98 10.06 -12.49
N CYS B 63 -21.73 11.15 -12.30
CA CYS B 63 -21.37 12.52 -12.71
C CYS B 63 -21.32 12.65 -14.24
N TRP B 64 -22.40 12.22 -14.90
CA TRP B 64 -22.59 12.50 -16.31
C TRP B 64 -23.87 13.27 -16.61
N MET B 65 -24.78 13.39 -15.64
CA MET B 65 -26.11 13.90 -15.88
C MET B 65 -26.18 15.42 -15.75
N ALA B 66 -27.27 15.98 -16.26
CA ALA B 66 -27.62 17.36 -15.98
C ALA B 66 -28.17 17.47 -14.57
N PRO B 67 -28.02 18.63 -13.91
CA PRO B 67 -28.60 18.77 -12.56
C PRO B 67 -30.12 18.74 -12.52
N GLN B 68 -30.81 19.01 -13.63
CA GLN B 68 -32.26 18.91 -13.71
C GLN B 68 -32.65 18.10 -14.93
N ARG B 69 -33.79 17.42 -14.82
CA ARG B 69 -34.36 16.71 -15.95
C ARG B 69 -34.95 17.70 -16.95
N ASP B 70 -35.21 17.23 -18.17
CA ASP B 70 -35.72 18.09 -19.21
C ASP B 70 -37.22 18.30 -19.05
N SER B 71 -37.85 18.89 -20.06
CA SER B 71 -39.28 19.16 -20.01
C SER B 71 -40.13 17.92 -20.27
N GLU B 72 -39.52 16.81 -20.69
CA GLU B 72 -40.24 15.58 -20.97
C GLU B 72 -40.08 14.54 -19.86
N GLY B 73 -39.44 14.91 -18.76
CA GLY B 73 -39.22 13.98 -17.66
C GLY B 73 -38.13 12.97 -17.89
N ARG B 74 -37.33 13.11 -18.95
CA ARG B 74 -36.28 12.18 -19.28
C ARG B 74 -34.94 12.65 -18.70
N LEU B 75 -34.00 11.71 -18.58
CA LEU B 75 -32.65 12.08 -18.17
C LEU B 75 -31.92 12.77 -19.31
N GLN B 76 -30.97 13.62 -18.96
CA GLN B 76 -30.15 14.31 -19.94
C GLN B 76 -28.75 14.48 -19.38
N ALA B 77 -27.77 14.47 -20.28
CA ALA B 77 -26.38 14.63 -19.89
C ALA B 77 -26.07 16.11 -19.64
N ASP B 78 -24.84 16.37 -19.21
CA ASP B 78 -24.41 17.75 -19.03
C ASP B 78 -24.21 18.39 -20.40
N PRO B 79 -24.83 19.54 -20.67
CA PRO B 79 -24.70 20.15 -22.01
C PRO B 79 -23.31 20.68 -22.32
N GLN B 80 -22.50 20.96 -21.30
CA GLN B 80 -21.15 21.47 -21.54
C GLN B 80 -20.13 20.34 -21.67
N ARG B 81 -20.16 19.38 -20.72
CA ARG B 81 -19.22 18.26 -20.76
C ARG B 81 -19.61 17.21 -21.79
N PHE B 82 -20.89 17.11 -22.15
CA PHE B 82 -21.37 16.22 -23.21
C PHE B 82 -22.18 17.05 -24.20
N PRO B 83 -21.51 17.75 -25.12
CA PRO B 83 -22.25 18.65 -26.03
C PRO B 83 -23.02 17.92 -27.11
N HIS B 84 -22.61 16.71 -27.48
CA HIS B 84 -23.23 16.00 -28.59
C HIS B 84 -24.31 15.01 -28.17
N GLY B 85 -24.32 14.59 -26.91
CA GLY B 85 -25.35 13.71 -26.42
C GLY B 85 -24.84 12.28 -26.21
N ILE B 86 -25.62 11.53 -25.43
CA ILE B 86 -25.26 10.15 -25.12
C ILE B 86 -25.45 9.24 -26.34
N ARG B 87 -26.45 9.54 -27.18
CA ARG B 87 -26.73 8.72 -28.36
C ARG B 87 -25.59 8.78 -29.37
N GLN B 88 -25.04 9.96 -29.61
CA GLN B 88 -23.91 10.11 -30.54
C GLN B 88 -22.64 9.48 -29.98
N LEU B 89 -22.44 9.58 -28.66
CA LEU B 89 -21.31 8.93 -28.01
C LEU B 89 -21.42 7.41 -28.10
N ALA B 90 -22.64 6.88 -27.95
CA ALA B 90 -22.87 5.45 -28.10
C ALA B 90 -22.64 5.01 -29.55
N ASN B 91 -23.00 5.86 -30.51
CA ASN B 91 -22.69 5.57 -31.91
C ASN B 91 -21.19 5.56 -32.17
N TYR B 92 -20.43 6.45 -31.50
CA TYR B 92 -18.98 6.43 -31.63
C TYR B 92 -18.38 5.18 -31.00
N VAL B 93 -18.95 4.72 -29.87
CA VAL B 93 -18.47 3.49 -29.25
C VAL B 93 -18.78 2.27 -30.13
N HIS B 94 -19.99 2.23 -30.72
CA HIS B 94 -20.35 1.12 -31.58
C HIS B 94 -19.59 1.14 -32.91
N SER B 95 -19.16 2.31 -33.36
CA SER B 95 -18.39 2.40 -34.60
C SER B 95 -17.01 1.77 -34.45
N LYS B 96 -16.45 1.78 -33.24
CA LYS B 96 -15.20 1.11 -32.95
C LYS B 96 -15.37 -0.36 -32.63
N GLY B 97 -16.60 -0.87 -32.62
CA GLY B 97 -16.85 -2.26 -32.31
C GLY B 97 -16.96 -2.58 -30.83
N LEU B 98 -17.06 -1.58 -29.97
CA LEU B 98 -17.16 -1.78 -28.54
C LEU B 98 -18.62 -1.67 -28.09
N LYS B 99 -18.83 -1.83 -26.79
CA LYS B 99 -20.13 -1.65 -26.16
C LYS B 99 -20.04 -0.54 -25.12
N LEU B 100 -21.14 0.16 -24.90
CA LEU B 100 -21.17 1.31 -24.00
C LEU B 100 -22.02 1.02 -22.78
N GLY B 101 -21.54 1.47 -21.61
CA GLY B 101 -22.29 1.37 -20.37
C GLY B 101 -22.64 2.72 -19.77
N ILE B 102 -23.61 2.75 -18.86
CA ILE B 102 -24.06 3.99 -18.23
C ILE B 102 -24.47 3.66 -16.79
N TYR B 103 -24.66 4.70 -15.97
CA TYR B 103 -24.89 4.58 -14.55
C TYR B 103 -26.21 5.25 -14.19
N ALA B 104 -26.90 4.69 -13.20
CA ALA B 104 -28.12 5.27 -12.65
C ALA B 104 -28.28 4.78 -11.21
N ASP B 105 -29.33 5.24 -10.54
CA ASP B 105 -29.53 4.91 -9.14
C ASP B 105 -31.00 4.57 -8.90
N VAL B 106 -31.24 3.75 -7.87
CA VAL B 106 -32.59 3.38 -7.47
C VAL B 106 -33.25 4.41 -6.58
N GLY B 107 -32.48 5.36 -6.03
CA GLY B 107 -32.99 6.30 -5.06
C GLY B 107 -33.44 7.61 -5.69
N ASN B 108 -33.73 8.57 -4.81
CA ASN B 108 -34.11 9.91 -5.27
C ASN B 108 -32.93 10.63 -5.90
N LYS B 109 -31.73 10.41 -5.39
CA LYS B 109 -30.52 10.97 -5.97
C LYS B 109 -29.49 9.86 -6.13
N THR B 110 -28.48 10.14 -6.95
CA THR B 110 -27.32 9.27 -7.05
C THR B 110 -26.37 9.57 -5.90
N CYS B 111 -25.18 8.94 -5.91
CA CYS B 111 -24.25 9.12 -4.81
C CYS B 111 -23.55 10.48 -4.85
N ALA B 112 -23.63 11.22 -5.96
CA ALA B 112 -23.04 12.53 -6.08
C ALA B 112 -24.06 13.66 -6.02
N GLY B 113 -25.31 13.36 -5.69
CA GLY B 113 -26.36 14.37 -5.69
C GLY B 113 -27.05 14.58 -7.02
N PHE B 114 -26.62 13.87 -8.06
CA PHE B 114 -27.26 13.94 -9.36
C PHE B 114 -28.59 13.20 -9.32
N PRO B 115 -29.55 13.54 -10.21
CA PRO B 115 -30.90 12.96 -10.11
C PRO B 115 -30.94 11.45 -10.32
N GLY B 116 -31.66 10.77 -9.43
CA GLY B 116 -31.83 9.34 -9.49
C GLY B 116 -33.01 8.95 -10.37
N SER B 117 -33.49 7.72 -10.17
CA SER B 117 -34.54 7.17 -11.02
C SER B 117 -35.68 6.57 -10.19
N PHE B 118 -35.89 7.08 -8.98
CA PHE B 118 -37.03 6.62 -8.18
C PHE B 118 -38.31 7.21 -8.73
N GLY B 119 -39.24 6.34 -9.13
CA GLY B 119 -40.42 6.79 -9.85
C GLY B 119 -40.20 7.11 -11.30
N TYR B 120 -39.01 6.79 -11.84
CA TYR B 120 -38.66 7.10 -13.21
C TYR B 120 -37.98 5.89 -13.88
N TYR B 121 -38.30 4.68 -13.41
CA TYR B 121 -37.55 3.49 -13.82
C TYR B 121 -37.80 3.15 -15.28
N ASP B 122 -39.06 3.09 -15.70
CA ASP B 122 -39.39 2.73 -17.07
C ASP B 122 -38.99 3.83 -18.05
N ILE B 123 -39.15 5.10 -17.64
CA ILE B 123 -38.84 6.24 -18.51
C ILE B 123 -37.34 6.28 -18.82
N ASP B 124 -36.51 6.18 -17.78
CA ASP B 124 -35.07 6.17 -18.01
C ASP B 124 -34.60 4.87 -18.64
N ALA B 125 -35.33 3.76 -18.44
CA ALA B 125 -34.98 2.51 -19.10
C ALA B 125 -35.15 2.60 -20.61
N GLN B 126 -36.30 3.14 -21.06
CA GLN B 126 -36.47 3.36 -22.49
C GLN B 126 -35.56 4.46 -23.02
N THR B 127 -35.19 5.44 -22.18
CA THR B 127 -34.25 6.47 -22.61
C THR B 127 -32.87 5.89 -22.89
N PHE B 128 -32.38 5.03 -21.98
CA PHE B 128 -31.10 4.35 -22.21
C PHE B 128 -31.17 3.41 -23.39
N ALA B 129 -32.28 2.68 -23.55
CA ALA B 129 -32.42 1.75 -24.67
C ALA B 129 -32.49 2.48 -26.01
N ASP B 130 -33.10 3.66 -26.06
CA ASP B 130 -33.11 4.44 -27.29
C ASP B 130 -31.77 5.11 -27.55
N TRP B 131 -31.01 5.42 -26.51
CA TRP B 131 -29.69 6.03 -26.73
C TRP B 131 -28.68 5.03 -27.29
N GLY B 132 -28.82 3.74 -26.96
CA GLY B 132 -27.89 2.73 -27.45
C GLY B 132 -27.07 2.12 -26.34
N VAL B 133 -27.59 2.15 -25.12
CA VAL B 133 -26.88 1.67 -23.94
C VAL B 133 -26.90 0.15 -23.91
N ASP B 134 -25.73 -0.46 -23.70
CA ASP B 134 -25.60 -1.91 -23.61
C ASP B 134 -25.32 -2.41 -22.19
N LEU B 135 -25.14 -1.52 -21.22
CA LEU B 135 -24.90 -1.95 -19.85
C LEU B 135 -25.35 -0.85 -18.89
N LEU B 136 -25.99 -1.25 -17.79
CA LEU B 136 -26.41 -0.31 -16.76
C LEU B 136 -25.83 -0.73 -15.41
N LYS B 137 -25.16 0.21 -14.74
CA LYS B 137 -24.77 0.06 -13.35
C LYS B 137 -25.78 0.81 -12.50
N PHE B 138 -26.49 0.08 -11.63
CA PHE B 138 -27.59 0.61 -10.86
C PHE B 138 -27.18 0.62 -9.38
N ALA B 139 -27.07 1.82 -8.82
CA ALA B 139 -26.59 1.99 -7.45
C ALA B 139 -27.78 1.99 -6.49
N GLY B 140 -27.51 2.32 -5.23
CA GLY B 140 -28.55 2.33 -4.21
C GLY B 140 -28.42 3.47 -3.22
N CYS B 141 -27.80 4.57 -3.63
CA CYS B 141 -27.65 5.72 -2.75
C CYS B 141 -28.97 6.47 -2.58
N TYR B 142 -29.16 7.03 -1.38
CA TYR B 142 -30.33 7.83 -0.99
C TYR B 142 -31.64 7.07 -1.16
N CYS B 143 -31.67 5.82 -0.72
CA CYS B 143 -32.86 4.99 -0.73
C CYS B 143 -33.37 4.86 0.71
N ASP B 144 -34.68 5.02 0.89
CA ASP B 144 -35.23 5.16 2.24
C ASP B 144 -35.43 3.81 2.93
N SER B 145 -36.01 2.84 2.23
CA SER B 145 -36.38 1.57 2.86
C SER B 145 -35.88 0.40 2.02
N LEU B 146 -35.80 -0.76 2.68
CA LEU B 146 -35.38 -1.99 2.00
C LEU B 146 -36.44 -2.47 1.01
N GLU B 147 -37.71 -2.26 1.32
CA GLU B 147 -38.79 -2.61 0.40
C GLU B 147 -38.72 -1.78 -0.87
N ASN B 148 -38.46 -0.48 -0.73
CA ASN B 148 -38.29 0.39 -1.89
C ASN B 148 -37.07 -0.01 -2.72
N LEU B 149 -35.98 -0.41 -2.05
CA LEU B 149 -34.77 -0.86 -2.74
C LEU B 149 -35.03 -2.13 -3.56
N ALA B 150 -35.63 -3.14 -2.93
CA ALA B 150 -35.90 -4.40 -3.61
C ALA B 150 -36.90 -4.23 -4.75
N ASP B 151 -37.99 -3.48 -4.51
CA ASP B 151 -39.00 -3.29 -5.52
C ASP B 151 -38.49 -2.43 -6.68
N GLY B 152 -37.63 -1.44 -6.39
CA GLY B 152 -37.04 -0.64 -7.44
C GLY B 152 -36.05 -1.42 -8.30
N TYR B 153 -35.26 -2.29 -7.68
CA TYR B 153 -34.34 -3.14 -8.45
C TYR B 153 -35.11 -4.11 -9.34
N LYS B 154 -36.19 -4.71 -8.81
CA LYS B 154 -37.02 -5.60 -9.62
C LYS B 154 -37.73 -4.85 -10.74
N HIS B 155 -38.18 -3.61 -10.44
CA HIS B 155 -38.84 -2.78 -11.44
C HIS B 155 -37.90 -2.40 -12.57
N MET B 156 -36.65 -2.05 -12.24
CA MET B 156 -35.67 -1.70 -13.26
C MET B 156 -35.29 -2.91 -14.10
N SER B 157 -35.17 -4.10 -13.46
CA SER B 157 -34.90 -5.33 -14.21
C SER B 157 -36.03 -5.66 -15.18
N LEU B 158 -37.29 -5.54 -14.73
CA LEU B 158 -38.42 -5.82 -15.60
C LEU B 158 -38.56 -4.77 -16.71
N ALA B 159 -38.23 -3.51 -16.42
CA ALA B 159 -38.29 -2.47 -17.44
C ALA B 159 -37.23 -2.68 -18.51
N LEU B 160 -36.00 -3.03 -18.11
CA LEU B 160 -34.94 -3.28 -19.09
C LEU B 160 -35.20 -4.56 -19.87
N ASN B 161 -35.92 -5.52 -19.29
CA ASN B 161 -36.41 -6.63 -20.11
C ASN B 161 -37.50 -6.17 -21.07
N ARG B 162 -38.34 -5.23 -20.65
CA ARG B 162 -39.44 -4.75 -21.48
C ARG B 162 -38.98 -3.90 -22.66
N THR B 163 -37.79 -3.28 -22.57
CA THR B 163 -37.27 -2.52 -23.70
C THR B 163 -36.92 -3.41 -24.88
N GLY B 164 -36.42 -4.62 -24.62
CA GLY B 164 -36.05 -5.55 -25.68
C GLY B 164 -34.61 -5.50 -26.11
N ARG B 165 -33.87 -4.46 -25.72
CA ARG B 165 -32.46 -4.34 -26.08
C ARG B 165 -31.60 -5.18 -25.14
N SER B 166 -30.53 -5.76 -25.69
CA SER B 166 -29.59 -6.55 -24.91
C SER B 166 -28.77 -5.61 -24.02
N ILE B 167 -29.15 -5.52 -22.75
CA ILE B 167 -28.50 -4.65 -21.78
C ILE B 167 -28.03 -5.51 -20.62
N VAL B 168 -26.75 -5.40 -20.27
CA VAL B 168 -26.20 -6.11 -19.12
C VAL B 168 -26.50 -5.30 -17.86
N TYR B 169 -27.30 -5.86 -16.97
CA TYR B 169 -27.83 -5.15 -15.82
C TYR B 169 -26.98 -5.43 -14.59
N SER B 170 -26.21 -4.43 -14.15
CA SER B 170 -25.34 -4.55 -12.98
C SER B 170 -26.00 -3.86 -11.79
N CYS B 171 -26.01 -4.54 -10.66
CA CYS B 171 -26.76 -4.09 -9.49
C CYS B 171 -25.83 -3.83 -8.32
N GLU B 172 -26.26 -2.93 -7.43
CA GLU B 172 -25.65 -2.72 -6.13
C GLU B 172 -26.62 -3.11 -5.01
N TRP B 173 -27.40 -4.16 -5.28
CA TRP B 173 -28.46 -4.58 -4.35
C TRP B 173 -27.90 -5.17 -3.05
N PRO B 174 -27.05 -6.22 -3.04
CA PRO B 174 -26.62 -6.75 -1.75
C PRO B 174 -25.56 -5.90 -1.05
N LEU B 175 -24.99 -4.92 -1.73
CA LEU B 175 -24.10 -3.96 -1.07
C LEU B 175 -24.88 -3.10 -0.07
N TYR B 176 -26.03 -2.58 -0.49
CA TYR B 176 -26.85 -1.77 0.39
C TYR B 176 -27.85 -2.60 1.20
N MET B 177 -28.04 -3.87 0.87
CA MET B 177 -28.92 -4.72 1.67
C MET B 177 -28.21 -5.33 2.87
N TRP B 178 -26.93 -5.64 2.74
CA TRP B 178 -26.15 -6.27 3.82
C TRP B 178 -26.11 -5.53 5.17
N PRO B 179 -26.01 -4.18 5.26
CA PRO B 179 -26.01 -3.57 6.61
C PRO B 179 -27.31 -3.69 7.40
N PHE B 180 -28.41 -4.16 6.80
CA PHE B 180 -29.66 -4.31 7.54
C PHE B 180 -30.30 -5.69 7.43
N GLN B 181 -29.97 -6.49 6.41
CA GLN B 181 -30.69 -7.73 6.18
C GLN B 181 -29.79 -8.70 5.43
N LYS B 182 -29.96 -9.99 5.71
CA LYS B 182 -29.26 -11.01 4.94
C LYS B 182 -29.85 -11.07 3.53
N PRO B 183 -29.08 -10.86 2.48
CA PRO B 183 -29.65 -10.84 1.13
C PRO B 183 -29.96 -12.23 0.62
N ASN B 184 -31.06 -12.34 -0.12
CA ASN B 184 -31.46 -13.60 -0.75
C ASN B 184 -30.83 -13.61 -2.14
N TYR B 185 -29.74 -14.35 -2.30
CA TYR B 185 -28.93 -14.28 -3.51
C TYR B 185 -29.56 -15.01 -4.68
N THR B 186 -30.52 -15.91 -4.43
CA THR B 186 -31.26 -16.53 -5.53
C THR B 186 -32.11 -15.50 -6.26
N GLU B 187 -32.77 -14.62 -5.50
CA GLU B 187 -33.56 -13.54 -6.07
C GLU B 187 -32.67 -12.53 -6.81
N ILE B 188 -31.50 -12.22 -6.25
CA ILE B 188 -30.56 -11.29 -6.87
C ILE B 188 -30.01 -11.88 -8.17
N ARG B 189 -29.75 -13.20 -8.18
CA ARG B 189 -29.36 -13.88 -9.41
C ARG B 189 -30.50 -13.89 -10.42
N GLN B 190 -31.74 -13.99 -9.95
CA GLN B 190 -32.90 -13.94 -10.83
C GLN B 190 -33.02 -12.60 -11.55
N TYR B 191 -32.71 -11.50 -10.85
CA TYR B 191 -32.94 -10.19 -11.47
C TYR B 191 -31.71 -9.52 -12.06
N CYS B 192 -30.48 -9.90 -11.69
CA CYS B 192 -29.30 -9.14 -12.10
C CYS B 192 -28.29 -10.03 -12.84
N ASN B 193 -27.41 -9.36 -13.59
CA ASN B 193 -26.29 -10.02 -14.27
C ASN B 193 -25.07 -10.15 -13.35
N HIS B 194 -24.67 -9.08 -12.68
CA HIS B 194 -23.69 -9.18 -11.62
C HIS B 194 -24.00 -8.13 -10.56
N TRP B 195 -23.65 -8.46 -9.32
CA TRP B 195 -24.06 -7.68 -8.16
C TRP B 195 -22.84 -7.32 -7.31
N ARG B 196 -22.74 -6.06 -6.92
CA ARG B 196 -21.68 -5.62 -6.02
C ARG B 196 -21.98 -6.08 -4.60
N ASN B 197 -20.98 -6.68 -3.95
CA ASN B 197 -21.14 -7.26 -2.63
C ASN B 197 -20.47 -6.44 -1.52
N PHE B 198 -19.23 -6.03 -1.73
CA PHE B 198 -18.49 -5.25 -0.73
C PHE B 198 -18.42 -3.80 -1.19
N ALA B 199 -17.86 -2.96 -0.31
CA ALA B 199 -17.83 -1.51 -0.50
C ALA B 199 -16.86 -1.13 -1.63
N ASP B 200 -16.79 0.17 -1.89
CA ASP B 200 -16.06 0.68 -3.04
C ASP B 200 -14.55 0.54 -2.86
N ILE B 201 -13.88 0.21 -3.96
CA ILE B 201 -12.43 0.03 -3.94
C ILE B 201 -11.74 1.39 -4.06
N ASP B 202 -10.48 1.43 -3.64
CA ASP B 202 -9.62 2.57 -3.90
C ASP B 202 -8.23 2.05 -4.26
N ASP B 203 -7.29 2.96 -4.43
CA ASP B 203 -5.94 2.62 -4.87
C ASP B 203 -5.07 2.28 -3.66
N SER B 204 -5.41 1.16 -3.03
CA SER B 204 -4.71 0.72 -1.82
C SER B 204 -4.65 -0.80 -1.78
N TRP B 205 -3.63 -1.31 -1.10
CA TRP B 205 -3.49 -2.73 -0.85
C TRP B 205 -4.45 -3.20 0.25
N LYS B 206 -4.80 -2.30 1.17
CA LYS B 206 -5.72 -2.61 2.25
C LYS B 206 -7.13 -2.93 1.72
N SER B 207 -7.55 -2.24 0.67
CA SER B 207 -8.86 -2.52 0.07
C SER B 207 -8.89 -3.89 -0.58
N ILE B 208 -7.79 -4.28 -1.24
CA ILE B 208 -7.66 -5.62 -1.80
C ILE B 208 -7.72 -6.67 -0.69
N LYS B 209 -7.03 -6.40 0.44
CA LYS B 209 -7.06 -7.30 1.59
C LYS B 209 -8.46 -7.46 2.15
N SER B 210 -9.19 -6.35 2.32
CA SER B 210 -10.51 -6.41 2.93
C SER B 210 -11.53 -7.07 2.00
N ILE B 211 -11.43 -6.82 0.68
CA ILE B 211 -12.32 -7.46 -0.27
C ILE B 211 -12.09 -8.97 -0.30
N LEU B 212 -10.82 -9.39 -0.33
CA LEU B 212 -10.51 -10.82 -0.36
C LEU B 212 -10.89 -11.51 0.95
N ASP B 213 -10.69 -10.83 2.09
CA ASP B 213 -11.07 -11.40 3.38
C ASP B 213 -12.58 -11.53 3.52
N TRP B 214 -13.34 -10.53 3.03
CA TRP B 214 -14.80 -10.62 3.08
C TRP B 214 -15.31 -11.71 2.14
N THR B 215 -14.68 -11.87 0.98
CA THR B 215 -15.11 -12.92 0.06
C THR B 215 -14.80 -14.31 0.63
N SER B 216 -13.66 -14.46 1.30
CA SER B 216 -13.32 -15.75 1.89
C SER B 216 -14.19 -16.04 3.12
N PHE B 217 -14.66 -15.00 3.82
CA PHE B 217 -15.53 -15.24 4.97
C PHE B 217 -16.91 -15.72 4.56
N ASN B 218 -17.51 -15.05 3.57
CA ASN B 218 -18.87 -15.36 3.14
C ASN B 218 -18.91 -16.28 1.93
N GLN B 219 -17.92 -17.16 1.79
CA GLN B 219 -17.84 -17.99 0.59
C GLN B 219 -18.86 -19.12 0.59
N GLU B 220 -19.44 -19.48 1.73
CA GLU B 220 -20.50 -20.46 1.73
C GLU B 220 -21.84 -19.88 1.29
N ARG B 221 -21.95 -18.57 1.13
CA ARG B 221 -23.17 -17.91 0.69
C ARG B 221 -23.15 -17.53 -0.78
N ILE B 222 -22.00 -17.19 -1.34
CA ILE B 222 -21.93 -16.49 -2.62
C ILE B 222 -21.16 -17.25 -3.70
N VAL B 223 -20.57 -18.41 -3.38
CA VAL B 223 -19.79 -19.12 -4.38
C VAL B 223 -20.68 -19.96 -5.28
N ASP B 224 -21.60 -20.73 -4.68
CA ASP B 224 -22.47 -21.60 -5.45
C ASP B 224 -23.56 -20.84 -6.21
N VAL B 225 -23.82 -19.58 -5.82
CA VAL B 225 -24.75 -18.75 -6.56
C VAL B 225 -24.16 -18.39 -7.93
N ALA B 226 -22.85 -18.16 -7.98
CA ALA B 226 -22.22 -17.68 -9.20
C ALA B 226 -22.12 -18.77 -10.25
N GLY B 227 -22.54 -18.42 -11.47
CA GLY B 227 -22.45 -19.28 -12.63
C GLY B 227 -22.52 -18.43 -13.87
N PRO B 228 -22.80 -19.05 -15.02
CA PRO B 228 -23.10 -18.27 -16.22
C PRO B 228 -24.38 -17.48 -16.05
N GLY B 229 -24.34 -16.21 -16.45
CA GLY B 229 -25.45 -15.30 -16.25
C GLY B 229 -25.38 -14.47 -14.98
N GLY B 230 -24.93 -15.07 -13.89
CA GLY B 230 -24.86 -14.39 -12.62
C GLY B 230 -23.50 -14.44 -11.95
N TRP B 231 -22.87 -13.28 -11.75
CA TRP B 231 -21.54 -13.20 -11.16
C TRP B 231 -21.55 -12.32 -9.93
N ASN B 232 -20.49 -12.42 -9.14
CA ASN B 232 -20.26 -11.54 -8.00
C ASN B 232 -19.25 -10.49 -8.41
N ASP B 233 -19.62 -9.21 -8.24
CA ASP B 233 -18.75 -8.10 -8.59
C ASP B 233 -18.02 -7.64 -7.34
N PRO B 234 -16.70 -7.88 -7.20
CA PRO B 234 -15.97 -7.30 -6.06
C PRO B 234 -15.92 -5.79 -6.14
N ASP B 235 -15.22 -5.28 -7.17
CA ASP B 235 -15.23 -3.90 -7.65
C ASP B 235 -14.36 -3.81 -8.90
N MET B 236 -14.12 -2.58 -9.38
CA MET B 236 -13.28 -2.36 -10.55
C MET B 236 -11.82 -2.74 -10.30
N LEU B 237 -11.15 -3.16 -11.38
CA LEU B 237 -9.71 -3.38 -11.33
C LEU B 237 -8.96 -2.07 -11.26
N VAL B 238 -7.92 -2.03 -10.42
CA VAL B 238 -7.15 -0.82 -10.19
C VAL B 238 -5.70 -0.97 -10.64
N ILE B 239 -5.43 -1.96 -11.50
CA ILE B 239 -4.08 -2.19 -11.99
C ILE B 239 -3.72 -1.12 -13.02
N GLY B 240 -2.56 -0.48 -12.84
CA GLY B 240 -2.15 0.63 -13.65
C GLY B 240 -2.25 1.98 -12.98
N ASN B 241 -2.57 2.01 -11.68
CA ASN B 241 -2.71 3.22 -10.91
C ASN B 241 -1.49 3.43 -10.02
N PHE B 242 -1.60 4.39 -9.09
CA PHE B 242 -0.46 4.93 -8.37
C PHE B 242 -0.16 4.25 -7.04
N GLY B 243 -1.08 3.45 -6.52
CA GLY B 243 -0.99 3.02 -5.13
C GLY B 243 -0.66 1.56 -4.86
N LEU B 244 -0.53 0.76 -5.93
CA LEU B 244 -0.21 -0.66 -5.78
C LEU B 244 1.19 -0.96 -6.28
N SER B 245 1.85 -1.90 -5.61
CA SER B 245 3.12 -2.43 -6.08
C SER B 245 2.85 -3.44 -7.19
N TRP B 246 3.94 -4.00 -7.74
CA TRP B 246 3.81 -4.99 -8.80
C TRP B 246 3.20 -6.29 -8.28
N ASN B 247 3.62 -6.72 -7.08
CA ASN B 247 3.13 -7.97 -6.52
C ASN B 247 1.66 -7.86 -6.08
N GLN B 248 1.26 -6.67 -5.63
CA GLN B 248 -0.15 -6.46 -5.27
C GLN B 248 -1.04 -6.44 -6.50
N GLN B 249 -0.54 -5.89 -7.62
CA GLN B 249 -1.26 -5.97 -8.89
C GLN B 249 -1.36 -7.41 -9.39
N VAL B 250 -0.29 -8.19 -9.22
CA VAL B 250 -0.31 -9.61 -9.56
C VAL B 250 -1.34 -10.35 -8.71
N THR B 251 -1.40 -10.00 -7.41
CA THR B 251 -2.38 -10.57 -6.49
C THR B 251 -3.81 -10.27 -6.94
N GLN B 252 -4.09 -9.01 -7.30
CA GLN B 252 -5.43 -8.63 -7.72
C GLN B 252 -5.82 -9.31 -9.04
N MET B 253 -4.91 -9.37 -10.00
CA MET B 253 -5.23 -10.00 -11.28
C MET B 253 -5.47 -11.51 -11.12
N ALA B 254 -4.60 -12.20 -10.36
CA ALA B 254 -4.76 -13.63 -10.14
C ALA B 254 -6.02 -13.95 -9.35
N LEU B 255 -6.35 -13.14 -8.34
CA LEU B 255 -7.51 -13.44 -7.53
C LEU B 255 -8.81 -13.08 -8.23
N TRP B 256 -8.82 -12.02 -9.05
CA TRP B 256 -10.01 -11.73 -9.84
C TRP B 256 -10.20 -12.76 -10.96
N ALA B 257 -9.11 -13.39 -11.41
CA ALA B 257 -9.27 -14.55 -12.29
C ALA B 257 -9.81 -15.75 -11.52
N ILE B 258 -9.42 -15.91 -10.25
CA ILE B 258 -9.91 -17.02 -9.43
C ILE B 258 -11.38 -16.83 -9.08
N MET B 259 -11.77 -15.61 -8.73
CA MET B 259 -13.10 -15.36 -8.18
C MET B 259 -14.20 -15.27 -9.23
N ALA B 260 -13.89 -15.53 -10.50
CA ALA B 260 -14.81 -15.39 -11.65
C ALA B 260 -15.43 -13.99 -11.70
N ALA B 261 -14.60 -12.99 -11.43
CA ALA B 261 -14.99 -11.60 -11.21
C ALA B 261 -15.11 -10.84 -12.52
N PRO B 262 -15.95 -9.81 -12.56
CA PRO B 262 -15.96 -8.92 -13.74
C PRO B 262 -14.68 -8.10 -13.81
N LEU B 263 -14.10 -8.02 -15.00
CA LEU B 263 -12.83 -7.33 -15.20
C LEU B 263 -13.11 -5.94 -15.78
N PHE B 264 -13.52 -5.04 -14.90
CA PHE B 264 -13.75 -3.65 -15.27
C PHE B 264 -12.52 -2.84 -14.88
N MET B 265 -11.75 -2.41 -15.87
CA MET B 265 -10.59 -1.58 -15.61
C MET B 265 -11.02 -0.19 -15.17
N SER B 266 -10.23 0.41 -14.28
CA SER B 266 -10.43 1.81 -13.91
C SER B 266 -9.04 2.43 -13.80
N ASN B 267 -8.55 2.96 -14.91
CA ASN B 267 -7.20 3.50 -14.99
C ASN B 267 -7.18 4.60 -16.04
N ASP B 268 -5.99 4.97 -16.47
CA ASP B 268 -5.79 5.88 -17.60
C ASP B 268 -5.10 5.08 -18.70
N LEU B 269 -5.81 4.82 -19.80
CA LEU B 269 -5.19 4.15 -20.92
C LEU B 269 -4.25 5.06 -21.69
N ARG B 270 -4.38 6.37 -21.51
CA ARG B 270 -3.41 7.31 -22.08
C ARG B 270 -2.05 7.21 -21.39
N HIS B 271 -2.04 6.86 -20.09
CA HIS B 271 -0.82 6.77 -19.30
C HIS B 271 -0.86 5.46 -18.51
N ILE B 272 -0.34 4.39 -19.11
CA ILE B 272 -0.29 3.08 -18.47
C ILE B 272 1.09 2.47 -18.73
N SER B 273 1.64 1.82 -17.72
CA SER B 273 2.94 1.18 -17.85
C SER B 273 2.83 -0.08 -18.71
N PRO B 274 3.91 -0.46 -19.42
CA PRO B 274 3.88 -1.72 -20.18
C PRO B 274 3.74 -2.96 -19.32
N GLN B 275 4.22 -2.94 -18.07
CA GLN B 275 4.02 -4.08 -17.17
C GLN B 275 2.55 -4.25 -16.82
N ALA B 276 1.84 -3.13 -16.56
CA ALA B 276 0.41 -3.21 -16.29
C ALA B 276 -0.38 -3.61 -17.53
N LYS B 277 0.07 -3.19 -18.72
CA LYS B 277 -0.57 -3.63 -19.96
C LYS B 277 -0.38 -5.11 -20.18
N ALA B 278 0.82 -5.64 -19.93
CA ALA B 278 1.06 -7.07 -20.10
C ALA B 278 0.35 -7.89 -19.03
N LEU B 279 0.18 -7.35 -17.82
CA LEU B 279 -0.56 -8.07 -16.79
C LEU B 279 -2.06 -8.07 -17.07
N LEU B 280 -2.61 -6.94 -17.50
CA LEU B 280 -4.04 -6.86 -17.78
C LEU B 280 -4.44 -7.54 -19.08
N GLN B 281 -3.47 -7.84 -19.95
CA GLN B 281 -3.74 -8.56 -21.20
C GLN B 281 -3.09 -9.94 -21.21
N ASP B 282 -2.95 -10.55 -20.04
CA ASP B 282 -2.40 -11.89 -19.95
C ASP B 282 -3.43 -12.89 -20.46
N LYS B 283 -3.07 -13.65 -21.51
CA LYS B 283 -4.04 -14.47 -22.22
C LYS B 283 -4.52 -15.65 -21.37
N ASP B 284 -3.60 -16.33 -20.69
CA ASP B 284 -3.96 -17.49 -19.90
C ASP B 284 -4.74 -17.12 -18.64
N VAL B 285 -4.40 -15.98 -18.02
CA VAL B 285 -5.10 -15.53 -16.83
C VAL B 285 -6.54 -15.11 -17.17
N ILE B 286 -6.71 -14.40 -18.29
CA ILE B 286 -8.04 -14.03 -18.77
C ILE B 286 -8.82 -15.27 -19.18
N ALA B 287 -8.14 -16.27 -19.76
CA ALA B 287 -8.78 -17.54 -20.08
C ALA B 287 -9.22 -18.30 -18.83
N ILE B 288 -8.49 -18.14 -17.73
CA ILE B 288 -8.97 -18.66 -16.45
C ILE B 288 -10.21 -17.90 -15.99
N ASN B 289 -10.20 -16.57 -16.11
CA ASN B 289 -11.35 -15.78 -15.68
C ASN B 289 -12.56 -16.00 -16.58
N GLN B 290 -12.32 -16.15 -17.89
CA GLN B 290 -13.39 -16.37 -18.86
C GLN B 290 -13.63 -17.85 -19.13
N ASP B 291 -13.44 -18.70 -18.12
CA ASP B 291 -13.65 -20.13 -18.28
C ASP B 291 -15.13 -20.43 -18.47
N PRO B 292 -15.50 -21.26 -19.46
CA PRO B 292 -16.93 -21.47 -19.76
C PRO B 292 -17.69 -22.25 -18.72
N LEU B 293 -17.01 -22.92 -17.79
CA LEU B 293 -17.71 -23.65 -16.73
C LEU B 293 -18.41 -22.70 -15.76
N GLY B 294 -17.82 -21.52 -15.52
CA GLY B 294 -18.49 -20.48 -14.76
C GLY B 294 -18.52 -20.68 -13.27
N LYS B 295 -17.84 -21.69 -12.73
CA LYS B 295 -17.85 -21.93 -11.30
C LYS B 295 -16.87 -21.00 -10.61
N GLN B 296 -17.37 -20.26 -9.61
CA GLN B 296 -16.54 -19.32 -8.87
C GLN B 296 -15.56 -20.06 -7.97
N GLY B 297 -14.32 -19.56 -7.91
CA GLY B 297 -13.32 -20.12 -7.02
C GLY B 297 -13.61 -19.83 -5.56
N TYR B 298 -12.82 -20.46 -4.71
CA TYR B 298 -13.06 -20.42 -3.27
C TYR B 298 -11.73 -20.55 -2.54
N GLN B 299 -11.69 -20.02 -1.32
CA GLN B 299 -10.49 -20.13 -0.48
C GLN B 299 -10.39 -21.55 0.05
N LEU B 300 -9.30 -22.24 -0.30
CA LEU B 300 -9.11 -23.62 0.16
C LEU B 300 -8.48 -23.66 1.54
N ARG B 301 -7.50 -22.79 1.81
CA ARG B 301 -6.74 -22.90 3.05
C ARG B 301 -6.24 -21.52 3.47
N GLN B 302 -6.21 -21.27 4.77
CA GLN B 302 -5.65 -20.04 5.30
C GLN B 302 -4.88 -20.34 6.58
N GLY B 303 -3.61 -19.94 6.61
CA GLY B 303 -2.79 -20.15 7.79
C GLY B 303 -1.34 -19.74 7.59
N ASP B 304 -0.70 -19.27 8.68
CA ASP B 304 0.69 -18.80 8.71
C ASP B 304 0.93 -17.69 7.68
N ASN B 305 -0.04 -16.78 7.57
CA ASN B 305 -0.10 -15.70 6.58
C ASN B 305 0.00 -16.23 5.15
N PHE B 306 -0.54 -17.42 4.91
CA PHE B 306 -0.62 -18.02 3.59
C PHE B 306 -2.08 -18.26 3.24
N GLU B 307 -2.43 -18.01 1.98
CA GLU B 307 -3.80 -18.22 1.51
C GLU B 307 -3.76 -19.04 0.23
N VAL B 308 -4.48 -20.16 0.22
CA VAL B 308 -4.58 -21.02 -0.94
C VAL B 308 -6.02 -20.97 -1.43
N TRP B 309 -6.20 -20.53 -2.68
CA TRP B 309 -7.48 -20.46 -3.37
C TRP B 309 -7.43 -21.37 -4.59
N GLU B 310 -8.58 -21.94 -4.96
CA GLU B 310 -8.64 -22.77 -6.14
C GLU B 310 -9.99 -22.57 -6.84
N ARG B 311 -9.96 -22.71 -8.17
CA ARG B 311 -11.13 -22.60 -9.02
C ARG B 311 -11.18 -23.79 -9.97
N PRO B 312 -12.31 -24.50 -10.04
CA PRO B 312 -12.47 -25.52 -11.08
C PRO B 312 -12.68 -24.87 -12.44
N LEU B 313 -12.01 -25.41 -13.45
CA LEU B 313 -12.09 -24.93 -14.82
C LEU B 313 -12.67 -26.02 -15.72
N SER B 314 -12.94 -25.64 -16.97
CA SER B 314 -13.50 -26.59 -17.92
C SER B 314 -12.44 -27.58 -18.37
N GLY B 315 -12.90 -28.77 -18.76
CA GLY B 315 -11.99 -29.84 -19.15
C GLY B 315 -11.19 -30.43 -18.01
N LEU B 316 -11.76 -30.44 -16.80
CA LEU B 316 -11.14 -30.95 -15.57
C LEU B 316 -9.82 -30.25 -15.24
N ALA B 317 -9.71 -28.97 -15.61
CA ALA B 317 -8.55 -28.16 -15.26
C ALA B 317 -8.83 -27.40 -13.97
N TRP B 318 -7.76 -26.99 -13.30
CA TRP B 318 -7.89 -26.25 -12.05
C TRP B 318 -6.93 -25.07 -12.04
N ALA B 319 -7.34 -24.00 -11.37
CA ALA B 319 -6.48 -22.83 -11.16
C ALA B 319 -6.24 -22.66 -9.67
N VAL B 320 -4.98 -22.48 -9.29
CA VAL B 320 -4.59 -22.40 -7.88
C VAL B 320 -3.81 -21.11 -7.66
N ALA B 321 -4.31 -20.27 -6.76
CA ALA B 321 -3.63 -19.04 -6.37
C ALA B 321 -3.10 -19.19 -4.95
N MET B 322 -1.84 -18.83 -4.75
CA MET B 322 -1.22 -18.88 -3.42
C MET B 322 -0.70 -17.50 -3.07
N ILE B 323 -1.16 -16.97 -1.94
CA ILE B 323 -0.90 -15.60 -1.50
C ILE B 323 -0.03 -15.64 -0.25
N ASN B 324 1.03 -14.85 -0.25
CA ASN B 324 1.86 -14.60 0.94
C ASN B 324 1.37 -13.29 1.53
N ARG B 325 0.58 -13.39 2.60
CA ARG B 325 0.04 -12.20 3.26
C ARG B 325 0.99 -11.59 4.26
N GLN B 326 2.15 -12.20 4.49
CA GLN B 326 3.16 -11.59 5.34
C GLN B 326 3.82 -10.43 4.61
N GLU B 327 3.71 -9.23 5.19
CA GLU B 327 4.17 -8.00 4.55
C GLU B 327 5.54 -7.56 5.06
N ILE B 328 6.38 -8.52 5.45
CA ILE B 328 7.75 -8.24 5.88
C ILE B 328 8.60 -9.45 5.50
N GLY B 329 9.86 -9.18 5.15
CA GLY B 329 10.78 -10.23 4.77
C GLY B 329 10.98 -10.33 3.28
N GLY B 330 11.62 -11.42 2.88
CA GLY B 330 11.78 -11.75 1.49
C GLY B 330 10.75 -12.76 1.05
N PRO B 331 10.98 -13.41 -0.09
CA PRO B 331 10.07 -14.47 -0.55
C PRO B 331 10.06 -15.64 0.41
N ARG B 332 8.86 -16.20 0.64
CA ARG B 332 8.68 -17.29 1.57
C ARG B 332 8.30 -18.56 0.82
N SER B 333 8.89 -19.67 1.23
CA SER B 333 8.59 -20.95 0.60
C SER B 333 7.29 -21.52 1.13
N TYR B 334 6.60 -22.26 0.27
CA TYR B 334 5.36 -22.93 0.63
C TYR B 334 5.30 -24.26 -0.11
N THR B 335 5.07 -25.34 0.65
CA THR B 335 4.96 -26.67 0.10
C THR B 335 3.61 -27.26 0.49
N ILE B 336 2.85 -27.71 -0.51
CA ILE B 336 1.53 -28.28 -0.28
C ILE B 336 1.41 -29.58 -1.06
N ALA B 337 0.76 -30.57 -0.46
CA ALA B 337 0.49 -31.81 -1.17
C ALA B 337 -0.59 -31.56 -2.21
N VAL B 338 -0.33 -32.01 -3.45
CA VAL B 338 -1.27 -31.78 -4.54
C VAL B 338 -2.50 -32.69 -4.47
N ALA B 339 -2.48 -33.70 -3.60
CA ALA B 339 -3.67 -34.50 -3.36
C ALA B 339 -4.73 -33.73 -2.57
N SER B 340 -4.35 -32.64 -1.91
CA SER B 340 -5.29 -31.76 -1.22
C SER B 340 -5.95 -30.77 -2.17
N LEU B 341 -5.53 -30.70 -3.42
CA LEU B 341 -6.06 -29.74 -4.38
C LEU B 341 -7.20 -30.34 -5.19
N GLY B 342 -8.21 -29.52 -5.45
CA GLY B 342 -9.32 -29.89 -6.32
C GLY B 342 -10.19 -31.03 -5.84
N LYS B 343 -10.44 -31.09 -4.52
CA LYS B 343 -11.20 -32.16 -3.86
C LYS B 343 -10.60 -33.55 -4.10
N GLY B 344 -9.28 -33.61 -4.25
CA GLY B 344 -8.58 -34.87 -4.39
C GLY B 344 -8.54 -35.46 -5.78
N VAL B 345 -9.22 -34.85 -6.76
CA VAL B 345 -9.33 -35.40 -8.11
C VAL B 345 -8.57 -34.58 -9.13
N ALA B 346 -7.94 -33.48 -8.73
CA ALA B 346 -7.27 -32.59 -9.69
C ALA B 346 -6.01 -33.23 -10.25
N CYS B 347 -5.27 -33.98 -9.43
CA CYS B 347 -4.02 -34.59 -9.84
C CYS B 347 -4.04 -36.10 -9.64
N ASN B 348 -5.18 -36.74 -9.92
CA ASN B 348 -5.29 -38.18 -9.79
C ASN B 348 -5.32 -38.83 -11.16
N PRO B 349 -4.30 -39.62 -11.55
CA PRO B 349 -3.09 -39.97 -10.79
C PRO B 349 -1.91 -39.01 -11.01
N ALA B 350 -1.99 -38.13 -12.01
CA ALA B 350 -0.91 -37.20 -12.30
C ALA B 350 -1.49 -35.95 -12.93
N CYS B 351 -0.72 -34.87 -12.89
CA CYS B 351 -1.16 -33.60 -13.44
C CYS B 351 0.04 -32.79 -13.89
N PHE B 352 -0.14 -32.04 -14.98
CA PHE B 352 0.85 -31.07 -15.41
C PHE B 352 0.48 -29.70 -14.83
N ILE B 353 1.47 -29.04 -14.23
CA ILE B 353 1.30 -27.77 -13.54
C ILE B 353 2.10 -26.72 -14.30
N THR B 354 1.43 -25.63 -14.67
CA THR B 354 2.05 -24.52 -15.39
C THR B 354 1.82 -23.25 -14.58
N GLN B 355 2.91 -22.65 -14.10
CA GLN B 355 2.81 -21.36 -13.45
C GLN B 355 2.51 -20.29 -14.50
N LEU B 356 1.62 -19.36 -14.15
CA LEU B 356 1.24 -18.26 -15.03
C LEU B 356 1.58 -16.90 -14.46
N LEU B 357 1.54 -16.73 -13.14
CA LEU B 357 1.90 -15.50 -12.46
C LEU B 357 2.83 -15.81 -11.30
N PRO B 358 3.80 -14.93 -11.01
CA PRO B 358 4.12 -13.63 -11.65
C PRO B 358 4.89 -13.78 -12.95
N VAL B 359 5.42 -14.96 -13.25
CA VAL B 359 6.03 -15.27 -14.53
C VAL B 359 5.50 -16.62 -15.01
N LYS B 360 5.48 -16.79 -16.33
CA LYS B 360 4.94 -18.00 -16.93
C LYS B 360 6.07 -19.00 -17.18
N ARG B 361 6.02 -20.14 -16.48
CA ARG B 361 6.97 -21.21 -16.69
C ARG B 361 6.30 -22.54 -16.39
N LYS B 362 6.84 -23.60 -16.99
CA LYS B 362 6.32 -24.95 -16.81
C LYS B 362 7.02 -25.63 -15.65
N LEU B 363 6.24 -26.15 -14.70
CA LEU B 363 6.78 -26.77 -13.50
C LEU B 363 6.93 -28.28 -13.62
N GLY B 364 6.57 -28.86 -14.76
CA GLY B 364 6.70 -30.29 -14.95
C GLY B 364 5.52 -31.07 -14.37
N PHE B 365 5.58 -32.39 -14.56
CA PHE B 365 4.52 -33.27 -14.11
C PHE B 365 4.66 -33.58 -12.62
N TYR B 366 3.52 -33.74 -11.97
CA TYR B 366 3.45 -34.07 -10.55
C TYR B 366 2.49 -35.23 -10.36
N GLU B 367 2.88 -36.21 -9.54
CA GLU B 367 2.06 -37.38 -9.29
C GLU B 367 0.93 -37.05 -8.32
N TRP B 368 0.16 -38.07 -7.93
CA TRP B 368 -0.90 -37.84 -6.95
C TRP B 368 -0.33 -37.69 -5.55
N THR B 369 0.72 -38.44 -5.23
CA THR B 369 1.37 -38.38 -3.93
C THR B 369 2.46 -37.31 -3.87
N SER B 370 2.65 -36.55 -4.93
CA SER B 370 3.71 -35.54 -4.99
C SER B 370 3.38 -34.34 -4.11
N ARG B 371 4.42 -33.60 -3.76
CA ARG B 371 4.28 -32.34 -3.04
C ARG B 371 4.84 -31.21 -3.90
N LEU B 372 4.04 -30.16 -4.07
CA LEU B 372 4.43 -29.00 -4.86
C LEU B 372 5.06 -27.96 -3.94
N ARG B 373 6.29 -27.55 -4.27
CA ARG B 373 7.00 -26.52 -3.54
C ARG B 373 7.12 -25.27 -4.41
N SER B 374 7.03 -24.10 -3.78
CA SER B 374 7.09 -22.84 -4.51
C SER B 374 7.58 -21.75 -3.58
N HIS B 375 7.86 -20.59 -4.16
CA HIS B 375 8.26 -19.40 -3.42
C HIS B 375 7.35 -18.25 -3.79
N ILE B 376 6.81 -17.57 -2.79
CA ILE B 376 5.86 -16.47 -2.99
C ILE B 376 6.47 -15.19 -2.43
N ASN B 377 6.44 -14.13 -3.24
CA ASN B 377 6.89 -12.83 -2.78
C ASN B 377 5.91 -12.24 -1.76
N PRO B 378 6.37 -11.37 -0.87
CA PRO B 378 5.45 -10.69 0.05
C PRO B 378 4.45 -9.81 -0.68
N THR B 379 3.20 -9.85 -0.20
CA THR B 379 2.02 -9.22 -0.83
C THR B 379 1.87 -9.65 -2.29
N GLY B 380 2.25 -10.90 -2.59
CA GLY B 380 2.23 -11.40 -3.95
C GLY B 380 1.46 -12.71 -4.03
N THR B 381 1.26 -13.17 -5.26
CA THR B 381 0.48 -14.37 -5.52
C THR B 381 1.13 -15.17 -6.64
N VAL B 382 1.31 -16.46 -6.40
CA VAL B 382 1.72 -17.40 -7.42
C VAL B 382 0.46 -18.08 -7.97
N LEU B 383 0.22 -17.94 -9.27
CA LEU B 383 -0.96 -18.49 -9.91
C LEU B 383 -0.54 -19.66 -10.81
N LEU B 384 -1.30 -20.75 -10.73
CA LEU B 384 -0.95 -22.01 -11.39
C LEU B 384 -2.18 -22.56 -12.11
N GLN B 385 -1.92 -23.27 -13.21
CA GLN B 385 -2.96 -23.99 -13.94
C GLN B 385 -2.57 -25.45 -14.01
N LEU B 386 -3.53 -26.34 -13.74
CA LEU B 386 -3.25 -27.76 -13.55
C LEU B 386 -4.18 -28.58 -14.44
N GLU B 387 -3.60 -29.55 -15.14
CA GLU B 387 -4.36 -30.42 -16.05
C GLU B 387 -4.11 -31.88 -15.71
N ASN B 388 -5.19 -32.66 -15.62
CA ASN B 388 -5.14 -34.09 -15.32
C ASN B 388 -4.90 -34.88 -16.61
N THR B 389 -5.16 -36.19 -16.58
CA THR B 389 -4.98 -37.05 -17.76
C THR B 389 -6.11 -36.84 -18.78
N MET B 390 -6.16 -35.63 -19.33
CA MET B 390 -7.04 -35.24 -20.41
C MET B 390 -6.22 -34.50 -21.46
N GLN B 391 -5.05 -35.04 -21.78
CA GLN B 391 -4.07 -34.40 -22.64
C GLN B 391 -3.27 -35.48 -23.38
N MET B 392 -3.02 -35.24 -24.67
CA MET B 392 -2.31 -36.21 -25.50
C MET B 392 -1.41 -35.47 -26.47
N SER B 393 -0.16 -35.95 -26.57
CA SER B 393 0.98 -35.46 -27.35
C SER B 393 1.55 -34.16 -26.79
N LEU B 394 0.85 -33.56 -25.82
CA LEU B 394 1.41 -32.58 -24.89
C LEU B 394 1.98 -33.26 -23.66
N LYS B 395 1.72 -34.55 -23.49
CA LYS B 395 2.32 -35.39 -22.45
C LYS B 395 3.69 -35.91 -22.85
N ASP B 396 4.23 -35.46 -23.98
CA ASP B 396 5.58 -35.80 -24.39
C ASP B 396 6.22 -34.59 -25.08
N CYS C 7 -15.28 -11.80 17.49
CA CYS C 7 -14.26 -11.67 16.46
C CYS C 7 -14.80 -10.98 15.21
N GLN C 8 -15.85 -11.56 14.63
CA GLN C 8 -16.37 -11.09 13.34
C GLN C 8 -17.31 -9.90 13.50
N ASP C 9 -18.04 -9.84 14.62
CA ASP C 9 -18.91 -8.69 14.90
C ASP C 9 -18.08 -7.43 15.07
N CYS C 10 -16.90 -7.56 15.67
CA CYS C 10 -15.93 -6.47 15.73
C CYS C 10 -15.49 -6.06 14.34
N ILE C 11 -15.29 -7.04 13.44
CA ILE C 11 -14.87 -6.74 12.08
C ILE C 11 -15.94 -5.91 11.35
N GLN C 12 -17.21 -6.29 11.53
CA GLN C 12 -18.31 -5.50 10.95
C GLN C 12 -18.37 -4.09 11.52
N MET C 13 -18.24 -3.95 12.85
CA MET C 13 -18.35 -2.63 13.46
C MET C 13 -17.16 -1.73 13.10
N VAL C 14 -15.95 -2.31 12.97
CA VAL C 14 -14.79 -1.49 12.67
C VAL C 14 -14.75 -1.14 11.18
N THR C 15 -15.26 -2.01 10.31
CA THR C 15 -15.46 -1.62 8.90
C THR C 15 -16.45 -0.48 8.78
N ASP C 16 -17.51 -0.49 9.61
CA ASP C 16 -18.48 0.60 9.60
C ASP C 16 -17.84 1.93 10.03
N ILE C 17 -17.05 1.91 11.13
CA ILE C 17 -16.42 3.12 11.62
C ILE C 17 -15.35 3.64 10.64
N GLN C 18 -14.60 2.73 10.02
CA GLN C 18 -13.60 3.14 9.03
C GLN C 18 -14.24 3.70 7.77
N THR C 19 -15.37 3.11 7.35
CA THR C 19 -16.08 3.57 6.16
C THR C 19 -16.67 4.96 6.39
N ALA C 20 -17.17 5.23 7.61
CA ALA C 20 -17.85 6.49 7.87
C ALA C 20 -16.92 7.71 7.84
N VAL C 21 -15.61 7.52 8.06
CA VAL C 21 -14.66 8.62 7.87
C VAL C 21 -13.89 8.47 6.56
N ARG C 22 -14.01 7.32 5.88
CA ARG C 22 -13.52 7.22 4.51
C ARG C 22 -14.29 8.15 3.57
N THR C 23 -15.53 8.50 3.91
CA THR C 23 -16.29 9.51 3.19
C THR C 23 -15.82 10.94 3.47
N ASN C 24 -14.92 11.12 4.44
CA ASN C 24 -14.43 12.44 4.91
C ASN C 24 -15.58 13.32 5.37
N SER C 25 -16.47 12.74 6.18
CA SER C 25 -17.62 13.46 6.73
C SER C 25 -17.25 14.36 7.90
N THR C 26 -16.01 14.28 8.40
CA THR C 26 -15.52 14.97 9.59
C THR C 26 -16.42 14.73 10.81
N PHE C 27 -16.83 13.47 10.98
CA PHE C 27 -17.51 13.05 12.21
C PHE C 27 -16.50 12.62 13.27
N VAL C 28 -15.21 12.87 13.02
CA VAL C 28 -14.16 12.77 14.02
C VAL C 28 -14.51 13.57 15.26
N GLN C 29 -15.05 14.78 15.06
CA GLN C 29 -15.53 15.58 16.19
C GLN C 29 -16.70 14.90 16.90
N ALA C 30 -17.60 14.27 16.15
CA ALA C 30 -18.72 13.56 16.75
C ALA C 30 -18.26 12.33 17.52
N LEU C 31 -17.27 11.59 16.99
CA LEU C 31 -16.75 10.43 17.69
C LEU C 31 -15.98 10.82 18.95
N VAL C 32 -15.21 11.91 18.88
CA VAL C 32 -14.49 12.41 20.06
C VAL C 32 -15.48 12.93 21.10
N GLU C 33 -16.57 13.55 20.68
CA GLU C 33 -17.62 13.97 21.61
C GLU C 33 -18.32 12.77 22.23
N HIS C 34 -18.49 11.69 21.46
CA HIS C 34 -19.11 10.47 22.00
C HIS C 34 -18.22 9.82 23.06
N VAL C 35 -16.92 9.72 22.79
CA VAL C 35 -16.02 9.13 23.80
C VAL C 35 -15.83 10.07 24.99
N LYS C 36 -15.90 11.39 24.76
CA LYS C 36 -15.88 12.34 25.88
C LYS C 36 -17.14 12.22 26.74
N GLU C 37 -18.27 11.88 26.13
CA GLU C 37 -19.46 11.53 26.89
C GLU C 37 -19.27 10.21 27.64
N GLU C 38 -18.60 9.24 27.01
CA GLU C 38 -18.32 7.96 27.67
C GLU C 38 -17.34 8.10 28.83
N CYS C 39 -16.56 9.18 28.87
CA CYS C 39 -15.68 9.44 30.01
C CYS C 39 -16.45 9.69 31.31
N ASP C 40 -17.71 10.09 31.22
CA ASP C 40 -18.55 10.28 32.41
C ASP C 40 -18.97 8.96 33.05
N ARG C 41 -18.79 7.83 32.37
CA ARG C 41 -19.11 6.52 32.94
C ARG C 41 -18.13 6.12 34.05
N LEU C 42 -16.95 6.74 34.09
CA LEU C 42 -15.90 6.37 35.04
C LEU C 42 -16.15 6.93 36.44
N GLY C 43 -17.18 7.73 36.63
CA GLY C 43 -17.41 8.39 37.90
C GLY C 43 -16.84 9.79 37.87
N PRO C 44 -17.27 10.64 38.82
CA PRO C 44 -16.81 12.05 38.83
C PRO C 44 -15.32 12.22 39.07
N GLY C 45 -14.63 11.23 39.64
CA GLY C 45 -13.21 11.38 39.89
C GLY C 45 -12.37 11.28 38.62
N MET C 46 -12.60 10.23 37.83
CA MET C 46 -11.80 9.99 36.63
C MET C 46 -12.42 10.57 35.37
N ALA C 47 -13.55 11.26 35.47
CA ALA C 47 -14.22 11.78 34.27
C ALA C 47 -13.41 12.86 33.58
N ASP C 48 -12.96 13.87 34.34
CA ASP C 48 -12.16 14.93 33.73
C ASP C 48 -10.74 14.46 33.43
N ILE C 49 -10.24 13.44 34.15
CA ILE C 49 -8.99 12.79 33.78
C ILE C 49 -9.13 12.16 32.39
N CYS C 50 -10.25 11.47 32.14
CA CYS C 50 -10.50 10.87 30.85
C CYS C 50 -10.70 11.92 29.76
N LYS C 51 -11.36 13.04 30.11
CA LYS C 51 -11.55 14.12 29.13
C LYS C 51 -10.23 14.78 28.76
N ASN C 52 -9.32 14.93 29.73
CA ASN C 52 -8.00 15.47 29.42
C ASN C 52 -7.18 14.47 28.60
N TYR C 53 -7.28 13.18 28.92
CA TYR C 53 -6.54 12.18 28.15
C TYR C 53 -7.16 11.91 26.79
N ILE C 54 -8.40 12.33 26.57
CA ILE C 54 -9.05 12.13 25.27
C ILE C 54 -9.09 13.42 24.45
N SER C 55 -8.80 14.58 25.04
CA SER C 55 -8.60 15.79 24.26
C SER C 55 -7.35 15.68 23.41
N GLN C 56 -6.25 15.22 24.00
CA GLN C 56 -5.07 14.80 23.26
C GLN C 56 -5.15 13.31 22.97
N TYR C 57 -4.20 12.83 22.15
CA TYR C 57 -3.98 11.42 21.83
C TYR C 57 -5.19 10.74 21.18
N SER C 58 -6.13 11.50 20.62
CA SER C 58 -7.33 10.94 20.00
C SER C 58 -7.38 11.15 18.50
N GLU C 59 -6.89 12.30 18.02
CA GLU C 59 -6.76 12.50 16.57
C GLU C 59 -5.72 11.56 15.98
N ILE C 60 -4.63 11.31 16.72
CA ILE C 60 -3.59 10.44 16.20
C ILE C 60 -4.00 8.97 16.26
N ALA C 61 -4.73 8.57 17.32
CA ALA C 61 -5.04 7.17 17.53
C ALA C 61 -6.02 6.63 16.50
N ILE C 62 -6.99 7.47 16.10
CA ILE C 62 -7.89 7.07 15.02
C ILE C 62 -7.17 7.04 13.69
N GLN C 63 -6.08 7.79 13.52
CA GLN C 63 -5.28 7.67 12.29
C GLN C 63 -4.55 6.33 12.26
N MET C 64 -3.98 5.90 13.39
CA MET C 64 -3.39 4.56 13.47
C MET C 64 -4.43 3.48 13.23
N MET C 65 -5.66 3.68 13.72
CA MET C 65 -6.73 2.73 13.45
C MET C 65 -7.24 2.80 12.02
N MET C 66 -7.09 3.96 11.36
CA MET C 66 -7.51 4.09 9.97
C MET C 66 -6.54 3.40 9.02
N HIS C 67 -5.24 3.46 9.32
CA HIS C 67 -4.32 2.64 8.54
C HIS C 67 -4.54 1.15 8.81
N MET C 68 -4.86 0.80 10.06
CA MET C 68 -4.95 -0.59 10.48
C MET C 68 -6.13 -1.31 9.83
N GLN C 69 -5.89 -2.56 9.41
CA GLN C 69 -6.95 -3.41 8.91
C GLN C 69 -7.92 -3.73 10.05
N PRO C 70 -9.23 -3.78 9.77
CA PRO C 70 -10.22 -4.04 10.85
C PRO C 70 -10.03 -5.37 11.57
N LYS C 71 -9.70 -6.43 10.83
CA LYS C 71 -9.38 -7.71 11.45
C LYS C 71 -8.13 -7.61 12.33
N GLU C 72 -7.17 -6.79 11.91
CA GLU C 72 -6.00 -6.54 12.76
C GLU C 72 -6.35 -5.76 14.02
N ILE C 73 -7.33 -4.85 13.94
CA ILE C 73 -7.79 -4.14 15.13
C ILE C 73 -8.43 -5.12 16.12
N CYS C 74 -9.29 -6.01 15.61
CA CYS C 74 -9.92 -7.02 16.47
C CYS C 74 -8.91 -8.00 17.05
N ALA C 75 -7.88 -8.34 16.27
CA ALA C 75 -6.86 -9.26 16.76
C ALA C 75 -5.96 -8.59 17.80
N LEU C 76 -5.67 -7.30 17.63
CA LEU C 76 -4.79 -6.61 18.55
C LEU C 76 -5.50 -6.28 19.87
N VAL C 77 -6.79 -5.95 19.84
CA VAL C 77 -7.49 -5.67 21.09
C VAL C 77 -7.89 -6.94 21.83
N GLY C 78 -7.75 -8.10 21.21
CA GLY C 78 -8.01 -9.36 21.87
C GLY C 78 -9.29 -10.06 21.51
N PHE C 79 -10.06 -9.55 20.55
CA PHE C 79 -11.31 -10.21 20.17
C PHE C 79 -11.07 -11.45 19.32
N CYS C 80 -10.00 -11.49 18.53
CA CYS C 80 -9.69 -12.68 17.74
C CYS C 80 -8.39 -13.35 18.16
N ASP C 81 -7.26 -12.65 18.09
CA ASP C 81 -5.96 -13.25 18.40
C ASP C 81 -5.15 -12.36 19.33
C1 NAG D . 17.43 -10.00 33.79
C2 NAG D . 16.69 -8.70 34.08
C3 NAG D . 16.80 -8.35 35.57
C4 NAG D . 16.38 -9.51 36.45
C5 NAG D . 17.07 -10.81 36.03
C6 NAG D . 16.53 -12.03 36.74
C7 NAG D . 16.40 -6.94 32.39
C8 NAG D . 17.06 -5.83 31.63
N2 NAG D . 17.17 -7.61 33.25
O3 NAG D . 16.02 -7.20 35.85
O4 NAG D . 16.74 -9.23 37.79
O5 NAG D . 16.91 -11.04 34.63
O6 NAG D . 16.56 -13.21 35.94
O7 NAG D . 15.21 -7.23 32.23
C1 NAG D . 15.60 -9.07 38.67
C2 NAG D . 15.98 -9.62 40.04
C3 NAG D . 14.83 -9.45 41.03
C4 NAG D . 14.36 -8.00 41.07
C5 NAG D . 14.04 -7.51 39.66
C6 NAG D . 13.70 -6.04 39.60
C7 NAG D . 17.58 -11.47 40.33
C8 NAG D . 17.81 -12.94 40.18
N2 NAG D . 16.37 -11.02 39.96
O3 NAG D . 15.24 -9.88 42.32
O4 NAG D . 13.18 -7.92 41.87
O5 NAG D . 15.18 -7.70 38.80
O6 NAG D . 12.31 -5.82 39.79
O7 NAG D . 18.44 -10.72 40.78
C1 BMA D . 13.40 -7.19 43.09
C2 BMA D . 12.02 -6.87 43.66
C3 BMA D . 12.12 -6.12 44.99
C4 BMA D . 13.12 -6.81 45.98
C5 BMA D . 14.45 -7.19 45.27
C6 BMA D . 15.34 -8.04 46.15
O2 BMA D . 11.30 -8.06 43.92
O3 BMA D . 10.84 -6.02 45.60
O4 BMA D . 13.38 -5.95 47.07
O5 BMA D . 14.17 -7.93 44.05
O6 BMA D . 16.24 -8.76 45.30
C1 MAN D . 10.32 -4.67 45.52
C2 MAN D . 9.16 -4.57 46.53
C3 MAN D . 7.97 -5.41 46.03
C4 MAN D . 7.55 -4.98 44.60
C5 MAN D . 8.76 -5.09 43.65
C6 MAN D . 8.49 -4.54 42.26
O2 MAN D . 8.66 -3.23 46.63
O3 MAN D . 6.85 -5.34 46.91
O4 MAN D . 6.53 -5.84 44.13
O5 MAN D . 9.89 -4.33 44.20
O6 MAN D . 8.81 -5.54 41.32
C1 FUC D . 15.23 -13.71 35.63
C2 FUC D . 15.37 -15.27 35.44
C3 FUC D . 15.24 -16.01 36.77
C4 FUC D . 13.88 -15.72 37.37
C5 FUC D . 13.79 -14.24 37.72
C6 FUC D . 12.40 -13.80 38.14
O2 FUC D . 16.58 -15.62 34.78
O3 FUC D . 15.33 -17.41 36.56
O4 FUC D . 12.86 -16.05 36.43
O5 FUC D . 14.20 -13.33 36.61
C1 NAG E . 33.56 10.42 25.19
C2 NAG E . 34.08 10.60 23.77
C3 NAG E . 34.82 11.93 23.63
C4 NAG E . 33.96 13.09 24.14
C5 NAG E . 33.42 12.80 25.54
C6 NAG E . 32.45 13.83 26.04
C7 NAG E . 34.56 8.48 22.63
C8 NAG E . 35.59 7.43 22.34
N2 NAG E . 34.95 9.49 23.40
O3 NAG E . 35.16 12.12 22.26
O4 NAG E . 34.73 14.28 24.18
O5 NAG E . 32.73 11.54 25.54
O6 NAG E . 32.60 14.05 27.44
O7 NAG E . 33.41 8.40 22.18
C1 NAG E . 34.37 15.19 23.12
C2 NAG E . 34.61 16.62 23.60
C3 NAG E . 34.31 17.61 22.47
C4 NAG E . 35.07 17.24 21.20
C5 NAG E . 34.84 15.78 20.83
C6 NAG E . 35.70 15.30 19.69
C7 NAG E . 34.32 17.13 25.98
C8 NAG E . 33.35 17.43 27.07
N2 NAG E . 33.80 16.93 24.76
O3 NAG E . 34.66 18.92 22.89
O4 NAG E . 34.63 18.09 20.14
O5 NAG E . 35.15 14.93 21.95
O6 NAG E . 34.93 15.09 18.50
O7 NAG E . 35.53 17.06 26.19
C1 BMA E . 35.66 18.97 19.65
C2 BMA E . 35.21 19.39 18.26
C3 BMA E . 36.19 20.38 17.63
C4 BMA E . 36.61 21.52 18.60
C5 BMA E . 36.94 20.98 20.02
C6 BMA E . 37.11 22.10 21.04
O2 BMA E . 33.95 20.04 18.31
O3 BMA E . 35.62 20.97 16.45
O4 BMA E . 37.75 22.20 18.09
O5 BMA E . 35.86 20.12 20.47
O6 BMA E . 37.69 21.56 22.21
C1 MAN E . 36.15 20.37 15.24
C2 MAN E . 35.88 21.36 14.10
C3 MAN E . 34.37 21.41 13.81
C4 MAN E . 33.82 20.00 13.51
C5 MAN E . 34.14 19.06 14.68
C6 MAN E . 33.77 17.61 14.39
O2 MAN E . 36.49 20.94 12.88
O3 MAN E . 34.07 22.30 12.73
O4 MAN E . 32.40 20.07 13.35
O5 MAN E . 35.58 19.09 14.96
O6 MAN E . 33.61 16.93 15.64
C1 NAG F . 15.68 15.59 31.45
C2 NAG F . 15.42 17.08 31.55
C3 NAG F . 16.66 17.77 32.13
C4 NAG F . 17.16 17.11 33.41
C5 NAG F . 17.21 15.58 33.29
C6 NAG F . 17.39 14.88 34.62
C7 NAG F . 14.18 18.63 30.13
C8 NAG F . 13.93 19.10 28.72
N2 NAG F . 15.07 17.65 30.26
O3 NAG F . 16.37 19.15 32.38
O4 NAG F . 18.48 17.56 33.67
O5 NAG F . 15.99 15.06 32.73
O6 NAG F . 18.00 13.61 34.45
O7 NAG F . 13.59 19.12 31.09
C1 NAG F . 18.65 18.32 34.87
C2 NAG F . 19.99 17.95 35.51
C3 NAG F . 20.25 18.78 36.77
C4 NAG F . 20.12 20.27 36.45
C5 NAG F . 18.77 20.57 35.81
C6 NAG F . 18.63 22.00 35.37
C7 NAG F . 21.09 15.76 35.53
C8 NAG F . 20.98 14.31 35.93
N2 NAG F . 20.05 16.53 35.82
O3 NAG F . 21.55 18.50 37.28
O4 NAG F . 20.26 21.03 37.65
O5 NAG F . 18.60 19.75 34.64
O6 NAG F . 17.93 22.77 36.33
O7 NAG F . 22.09 16.20 34.97
C1 NAG G . -37.92 10.25 -2.25
C2 NAG G . -38.13 8.94 -1.48
C3 NAG G . -39.62 8.73 -1.22
C4 NAG G . -40.27 9.94 -0.58
C5 NAG G . -39.92 11.22 -1.35
C6 NAG G . -40.37 12.49 -0.66
C7 NAG G . -36.46 7.17 -1.81
C8 NAG G . -36.03 6.03 -2.69
N2 NAG G . -37.57 7.82 -2.20
O3 NAG G . -39.79 7.58 -0.38
O4 NAG G . -41.68 9.76 -0.59
O5 NAG G . -38.50 11.33 -1.51
O6 NAG G . -39.88 12.55 0.67
O7 NAG G . -35.84 7.49 -0.81
C1 NAG G . -42.24 9.70 0.74
C2 NAG G . -43.75 9.88 0.62
C3 NAG G . -44.41 9.83 2.00
C4 NAG G . -44.00 8.58 2.76
C5 NAG G . -42.47 8.42 2.76
C6 NAG G . -42.02 7.10 3.36
C7 NAG G . -44.35 11.20 -1.36
C8 NAG G . -44.67 12.57 -1.90
N2 NAG G . -44.08 11.13 -0.06
O3 NAG G . -45.82 9.87 1.84
O4 NAG G . -44.43 8.68 4.11
O5 NAG G . -41.96 8.47 1.43
O6 NAG G . -41.86 7.19 4.77
O7 NAG G . -44.35 10.21 -2.09
C1 BMA G . -45.52 7.77 4.40
C2 BMA G . -45.42 7.46 5.90
C3 BMA G . -46.62 6.62 6.37
C4 BMA G . -47.99 7.11 5.81
C5 BMA G . -47.89 7.42 4.30
C6 BMA G . -49.15 8.10 3.76
O2 BMA G . -45.44 8.65 6.67
O3 BMA G . -46.69 6.60 7.80
O4 BMA G . -48.99 6.14 6.02
O5 BMA G . -46.78 8.32 4.06
O6 BMA G . -48.99 8.31 2.37
C1 MAN G . -46.25 5.32 8.32
C2 MAN G . -46.85 5.21 9.75
C3 MAN G . -46.11 6.15 10.70
C4 MAN G . -44.58 5.94 10.64
C5 MAN G . -44.10 6.13 9.19
C6 MAN G . -42.62 5.84 9.01
O2 MAN G . -46.66 3.89 10.28
O3 MAN G . -46.57 6.01 12.05
O4 MAN G . -43.93 6.89 11.47
O5 MAN G . -44.84 5.20 8.32
O6 MAN G . -42.19 6.48 7.81
C1 NAG H . -36.56 -11.18 -20.80
C2 NAG H . -35.46 -11.48 -21.82
C3 NAG H . -35.72 -12.83 -22.51
C4 NAG H . -35.96 -13.93 -21.49
C5 NAG H . -37.05 -13.52 -20.50
C6 NAG H . -37.25 -14.52 -19.38
C7 NAG H . -34.47 -9.42 -22.70
C8 NAG H . -34.50 -8.41 -23.81
N2 NAG H . -35.34 -10.42 -22.80
O3 NAG H . -34.61 -13.15 -23.34
O4 NAG H . -36.38 -15.12 -22.15
O5 NAG H . -36.69 -12.27 -19.88
O6 NAG H . -36.02 -15.10 -18.97
O7 NAG H . -33.71 -9.32 -21.75
C1 NAG H . -35.35 -16.14 -22.15
C2 NAG H . -36.00 -17.51 -22.29
C3 NAG H . -34.93 -18.60 -22.38
C4 NAG H . -33.89 -18.28 -23.45
C5 NAG H . -33.34 -16.86 -23.25
C6 NAG H . -32.42 -16.39 -24.36
C7 NAG H . -38.20 -17.47 -21.22
C8 NAG H . -39.00 -17.83 -20.00
N2 NAG H . -36.90 -17.79 -21.20
O3 NAG H . -35.55 -19.85 -22.68
O4 NAG H . -32.83 -19.23 -23.30
O5 NAG H . -34.43 -15.92 -23.20
O6 NAG H . -31.10 -16.85 -24.18
O7 NAG H . -38.73 -16.91 -22.18
C1 BMA H . -32.51 -20.01 -24.48
C2 BMA H . -31.04 -20.42 -24.28
C3 BMA H . -30.54 -21.28 -25.44
C4 BMA H . -31.50 -22.46 -25.72
C5 BMA H . -32.96 -21.93 -25.89
C6 BMA H . -33.95 -23.07 -26.13
O2 BMA H . -30.89 -21.19 -23.10
O3 BMA H . -29.22 -21.77 -25.19
O4 BMA H . -31.09 -23.15 -26.90
O5 BMA H . -33.34 -21.17 -24.70
O6 BMA H . -35.25 -22.68 -25.72
C1 MAN H . -28.25 -20.99 -25.90
C2 MAN H . -26.98 -21.87 -26.11
C3 MAN H . -26.20 -22.00 -24.78
C4 MAN H . -25.97 -20.64 -24.11
C5 MAN H . -27.32 -19.93 -23.91
C6 MAN H . -27.21 -18.56 -23.29
O2 MAN H . -26.07 -21.26 -27.02
O3 MAN H . -24.96 -22.68 -24.96
O4 MAN H . -25.36 -20.82 -22.84
O5 MAN H . -27.94 -19.78 -25.22
O6 MAN H . -28.39 -18.32 -22.53
C1 MAN H . -35.91 -23.74 -24.98
C2 MAN H . -36.38 -23.10 -23.64
C3 MAN H . -35.49 -23.57 -22.52
C4 MAN H . -35.60 -25.11 -22.35
C5 MAN H . -35.33 -25.84 -23.68
C6 MAN H . -36.45 -26.79 -24.11
O2 MAN H . -37.71 -23.51 -23.31
O3 MAN H . -35.82 -22.93 -21.29
O4 MAN H . -34.66 -25.54 -21.38
O5 MAN H . -35.05 -24.89 -24.78
O6 MAN H . -36.22 -27.18 -25.46
S SO4 I . -1.72 -0.61 2.93
O1 SO4 I . -2.55 0.38 3.61
O2 SO4 I . -2.16 -1.95 3.33
O3 SO4 I . -1.90 -0.48 1.49
O4 SO4 I . -0.32 -0.42 3.28
S SO4 J . 29.76 11.52 10.24
O1 SO4 J . 28.49 11.10 9.65
O2 SO4 J . 29.59 11.78 11.66
O3 SO4 J . 30.25 12.72 9.57
O4 SO4 J . 30.75 10.45 10.06
S SO4 K . -1.95 30.15 1.81
O1 SO4 K . -2.12 29.40 3.06
O2 SO4 K . -3.26 30.49 1.28
O3 SO4 K . -1.20 31.36 2.06
O4 SO4 K . -1.25 29.32 0.83
S SO4 L . 25.05 16.73 22.22
O1 SO4 L . 24.50 17.44 23.37
O2 SO4 L . 25.69 15.50 22.65
O3 SO4 L . 26.05 17.57 21.56
O4 SO4 L . 23.98 16.43 21.27
S SO4 M . -9.79 18.51 7.41
O1 SO4 M . -11.05 18.06 8.01
O2 SO4 M . -9.09 19.39 8.34
O3 SO4 M . -10.08 19.25 6.18
O4 SO4 M . -8.96 17.36 7.09
S SO4 N . -0.36 -30.55 3.31
O1 SO4 N . -0.28 -31.98 3.56
O2 SO4 N . -1.57 -30.00 3.94
O3 SO4 N . 0.81 -29.89 3.87
O4 SO4 N . -0.42 -30.30 1.88
S SO4 O . -21.55 -12.05 -23.02
O1 SO4 O . -20.50 -11.85 -22.03
O2 SO4 O . -22.66 -11.15 -22.74
O3 SO4 O . -21.03 -11.76 -24.36
O4 SO4 O . -22.02 -13.42 -22.97
S SO4 P . 8.42 -30.10 2.60
O1 SO4 P . 7.53 -29.46 3.57
O2 SO4 P . 9.54 -30.72 3.31
O3 SO4 P . 7.68 -31.12 1.87
O4 SO4 P . 8.94 -29.10 1.68
C1 NAG Q . -35.28 -16.31 -2.28
C2 NAG Q . -36.09 -17.11 -1.26
C3 NAG Q . -36.61 -18.39 -1.89
C4 NAG Q . -37.40 -18.09 -3.16
C5 NAG Q . -36.56 -17.24 -4.12
C6 NAG Q . -37.34 -16.79 -5.33
C7 NAG Q . -35.73 -17.21 1.17
C8 NAG Q . -34.78 -17.57 2.26
N2 NAG Q . -35.29 -17.40 -0.07
O3 NAG Q . -37.44 -19.09 -0.96
O4 NAG Q . -37.75 -19.31 -3.80
O5 NAG Q . -36.11 -16.06 -3.45
O6 NAG Q . -37.61 -15.40 -5.28
O7 NAG Q . -36.86 -16.79 1.40
#